data_6MB9
#
_entry.id   6MB9
#
_cell.length_a   66.043
_cell.length_b   69.168
_cell.length_c   69.837
_cell.angle_alpha   88.800
_cell.angle_beta   64.360
_cell.angle_gamma   80.530
#
_symmetry.space_group_name_H-M   'P 1'
#
loop_
_entity.id
_entity.type
_entity.pdbx_description
1 polymer 'Aac(3)-IIIb protein'
2 non-polymer 'COENZYME A'
3 non-polymer 'NONAETHYLENE GLYCOL'
4 non-polymer NEOMYCIN
5 water water
#
_entity_poly.entity_id   1
_entity_poly.type   'polypeptide(L)'
_entity_poly.pdbx_seq_one_letter_code
;MTSATASFATRTSLAADLAALGLAWGDAIMVHAAVSRVGRLLDGPDTIIAALRDTVGPGGTVLAYADWEARYEDLVDDAG
RVPPEWREHVPPFDPQRSRAIRDNGVLPEFLRTTPGTLRSGNPGASLVALGAKAEWFTADHPLDYGYGEGSPLAKLVEAG
GKVLMLGAPLDTLTLLHHAEHLADIPGKRIKRIEVPFATPTGTQWRMIEEFDTGDPIVAGLAEDYFAGIVTEFLASGQGR
QGLIGAAPSVLVDAAAITAFGVTWLEKRFGTPSP
;
_entity_poly.pdbx_strand_id   A,B,C,D
#
loop_
_chem_comp.id
_chem_comp.type
_chem_comp.name
_chem_comp.formula
2PE non-polymer 'NONAETHYLENE GLYCOL' 'C18 H38 O10'
COA non-polymer 'COENZYME A' 'C21 H36 N7 O16 P3 S'
NMY non-polymer NEOMYCIN 'C23 H46 N6 O13'
#
# COMPACT_ATOMS: atom_id res chain seq x y z
N SER A 7 -25.41 -8.12 23.25
CA SER A 7 -25.82 -6.95 22.48
C SER A 7 -24.67 -6.41 21.63
N PHE A 8 -23.54 -7.13 21.61
CA PHE A 8 -22.40 -6.75 20.79
C PHE A 8 -22.57 -7.26 19.36
N ALA A 9 -22.55 -6.35 18.40
CA ALA A 9 -22.46 -6.72 17.00
C ALA A 9 -21.02 -7.09 16.69
N THR A 10 -20.85 -8.18 15.94
CA THR A 10 -19.54 -8.73 15.66
C THR A 10 -19.34 -8.81 14.15
N ARG A 11 -18.10 -9.09 13.76
CA ARG A 11 -17.79 -9.20 12.34
C ARG A 11 -18.49 -10.39 11.72
N THR A 12 -18.78 -11.43 12.52
CA THR A 12 -19.52 -12.58 12.01
C THR A 12 -21.00 -12.25 11.86
N SER A 13 -21.58 -11.56 12.84
CA SER A 13 -23.00 -11.24 12.79
C SER A 13 -23.29 -10.21 11.71
N LEU A 14 -22.41 -9.23 11.54
CA LEU A 14 -22.62 -8.23 10.50
C LEU A 14 -22.46 -8.84 9.11
N ALA A 15 -21.51 -9.77 8.96
CA ALA A 15 -21.35 -10.45 7.68
C ALA A 15 -22.58 -11.26 7.32
N ALA A 16 -23.22 -11.89 8.31
CA ALA A 16 -24.46 -12.61 8.03
C ALA A 16 -25.56 -11.64 7.61
N ASP A 17 -25.66 -10.49 8.27
CA ASP A 17 -26.61 -9.47 7.85
C ASP A 17 -26.32 -8.99 6.43
N LEU A 18 -25.03 -8.81 6.11
CA LEU A 18 -24.65 -8.35 4.78
C LEU A 18 -25.00 -9.37 3.72
N ALA A 19 -24.78 -10.65 4.01
CA ALA A 19 -25.13 -11.70 3.05
C ALA A 19 -26.64 -11.76 2.84
N ALA A 20 -27.42 -11.65 3.90
CA ALA A 20 -28.88 -11.67 3.78
C ALA A 20 -29.39 -10.47 2.99
N LEU A 21 -28.68 -9.34 3.06
CA LEU A 21 -29.09 -8.16 2.31
C LEU A 21 -28.80 -8.31 0.82
N GLY A 22 -27.80 -9.11 0.46
CA GLY A 22 -27.49 -9.33 -0.94
C GLY A 22 -26.04 -9.13 -1.33
N LEU A 23 -25.21 -8.68 -0.39
CA LEU A 23 -23.78 -8.54 -0.67
C LEU A 23 -23.20 -9.91 -0.99
N ALA A 24 -22.48 -10.00 -2.13
CA ALA A 24 -22.11 -11.29 -2.69
C ALA A 24 -20.59 -11.46 -2.76
N TRP A 25 -20.18 -12.72 -2.80
CA TRP A 25 -18.78 -13.09 -2.97
C TRP A 25 -18.22 -12.46 -4.24
N GLY A 26 -17.09 -11.77 -4.10
CA GLY A 26 -16.42 -11.15 -5.22
C GLY A 26 -16.92 -9.76 -5.58
N ASP A 27 -17.86 -9.20 -4.82
CA ASP A 27 -18.41 -7.89 -5.13
C ASP A 27 -17.40 -6.79 -4.85
N ALA A 28 -17.48 -5.74 -5.66
CA ALA A 28 -16.85 -4.46 -5.34
C ALA A 28 -17.91 -3.60 -4.67
N ILE A 29 -17.77 -3.39 -3.35
CA ILE A 29 -18.81 -2.75 -2.55
C ILE A 29 -18.32 -1.39 -2.07
N MET A 30 -19.09 -0.35 -2.39
CA MET A 30 -18.86 0.99 -1.86
C MET A 30 -19.89 1.24 -0.75
N VAL A 31 -19.42 1.71 0.40
CA VAL A 31 -20.24 1.82 1.59
C VAL A 31 -20.29 3.28 2.04
N HIS A 32 -21.52 3.74 2.36
CA HIS A 32 -21.74 5.00 3.06
C HIS A 32 -22.42 4.64 4.37
N ALA A 33 -21.73 4.87 5.49
CA ALA A 33 -22.16 4.34 6.76
C ALA A 33 -22.41 5.46 7.77
N ALA A 34 -23.43 5.28 8.59
CA ALA A 34 -23.67 6.06 9.81
C ALA A 34 -23.42 5.11 10.96
N VAL A 35 -22.16 5.03 11.41
CA VAL A 35 -21.75 3.97 12.33
C VAL A 35 -22.52 4.03 13.64
N SER A 36 -22.98 5.22 14.05
CA SER A 36 -23.72 5.36 15.29
C SER A 36 -25.07 4.63 15.29
N ARG A 37 -25.62 4.33 14.11
CA ARG A 37 -26.88 3.62 14.02
C ARG A 37 -26.73 2.10 13.95
N VAL A 38 -25.50 1.60 13.84
CA VAL A 38 -25.32 0.16 13.69
C VAL A 38 -25.47 -0.56 15.04
N GLY A 39 -25.23 0.12 16.14
CA GLY A 39 -25.29 -0.49 17.45
C GLY A 39 -23.91 -0.64 18.06
N ARG A 40 -23.88 -1.40 19.14
CA ARG A 40 -22.62 -1.67 19.85
C ARG A 40 -21.75 -2.60 19.00
N LEU A 41 -20.55 -2.15 18.65
CA LEU A 41 -19.64 -2.94 17.82
C LEU A 41 -18.44 -3.38 18.65
N LEU A 42 -18.04 -4.64 18.49
CA LEU A 42 -16.98 -5.20 19.32
C LEU A 42 -15.63 -4.57 19.00
N ASP A 43 -15.36 -4.29 17.72
CA ASP A 43 -14.13 -3.64 17.30
C ASP A 43 -14.41 -2.27 16.70
N GLY A 44 -15.51 -1.63 17.12
CA GLY A 44 -15.86 -0.33 16.63
C GLY A 44 -16.10 -0.31 15.13
N PRO A 45 -15.78 0.80 14.48
CA PRO A 45 -15.98 0.89 13.02
C PRO A 45 -15.20 -0.14 12.23
N ASP A 46 -14.08 -0.65 12.75
CA ASP A 46 -13.33 -1.67 12.03
C ASP A 46 -14.10 -2.98 11.91
N THR A 47 -15.07 -3.22 12.79
CA THR A 47 -15.94 -4.39 12.64
C THR A 47 -16.64 -4.38 11.29
N ILE A 48 -17.12 -3.21 10.86
CA ILE A 48 -17.84 -3.09 9.60
C ILE A 48 -16.92 -3.38 8.42
N ILE A 49 -15.70 -2.85 8.45
CA ILE A 49 -14.75 -3.11 7.38
C ILE A 49 -14.40 -4.58 7.30
N ALA A 50 -14.13 -5.20 8.47
CA ALA A 50 -13.79 -6.62 8.49
C ALA A 50 -14.97 -7.47 8.03
N ALA A 51 -16.18 -7.10 8.43
CA ALA A 51 -17.36 -7.84 7.99
C ALA A 51 -17.53 -7.74 6.48
N LEU A 52 -17.33 -6.54 5.91
CA LEU A 52 -17.46 -6.37 4.47
C LEU A 52 -16.42 -7.21 3.73
N ARG A 53 -15.19 -7.26 4.24
CA ARG A 53 -14.15 -8.06 3.58
C ARG A 53 -14.45 -9.55 3.70
N ASP A 54 -15.00 -9.98 4.83
CA ASP A 54 -15.35 -11.38 5.00
C ASP A 54 -16.44 -11.82 4.02
N THR A 55 -17.36 -10.92 3.69
CA THR A 55 -18.48 -11.25 2.82
C THR A 55 -18.05 -11.31 1.35
N VAL A 56 -17.24 -10.35 0.90
CA VAL A 56 -16.85 -10.32 -0.51
C VAL A 56 -15.65 -11.20 -0.83
N GLY A 57 -14.80 -11.48 0.15
CA GLY A 57 -13.67 -12.35 -0.05
C GLY A 57 -12.48 -11.63 -0.68
N PRO A 58 -11.38 -12.37 -0.89
CA PRO A 58 -10.17 -11.72 -1.44
C PRO A 58 -10.33 -11.24 -2.87
N GLY A 59 -11.29 -11.78 -3.62
CA GLY A 59 -11.57 -11.27 -4.95
C GLY A 59 -12.42 -10.02 -4.97
N GLY A 60 -13.02 -9.65 -3.84
CA GLY A 60 -13.81 -8.45 -3.77
C GLY A 60 -12.99 -7.25 -3.34
N THR A 61 -13.64 -6.09 -3.36
CA THR A 61 -13.01 -4.83 -3.01
C THR A 61 -13.99 -4.00 -2.18
N VAL A 62 -13.47 -3.33 -1.15
CA VAL A 62 -14.26 -2.48 -0.27
C VAL A 62 -13.83 -1.04 -0.53
N LEU A 63 -14.79 -0.16 -0.80
CA LEU A 63 -14.52 1.21 -1.20
C LEU A 63 -15.32 2.18 -0.35
N ALA A 64 -14.79 3.39 -0.21
CA ALA A 64 -15.48 4.47 0.48
C ALA A 64 -15.05 5.79 -0.15
N TYR A 65 -15.92 6.79 -0.02
CA TYR A 65 -15.63 8.13 -0.52
C TYR A 65 -14.78 8.87 0.50
N ALA A 66 -13.55 9.22 0.12
CA ALA A 66 -12.60 9.82 1.04
C ALA A 66 -12.71 11.35 1.06
N ASP A 67 -12.76 11.97 -0.11
CA ASP A 67 -12.72 13.43 -0.24
C ASP A 67 -11.41 13.92 0.36
N TRP A 68 -11.36 15.16 0.85
CA TRP A 68 -10.12 15.69 1.39
C TRP A 68 -10.44 16.80 2.38
N GLU A 69 -9.85 16.72 3.56
CA GLU A 69 -10.02 17.74 4.60
C GLU A 69 -9.12 18.93 4.22
N ALA A 70 -9.70 19.95 3.59
CA ALA A 70 -8.91 21.08 3.10
C ALA A 70 -9.71 22.37 3.35
N ARG A 71 -9.54 22.94 4.55
CA ARG A 71 -10.30 24.13 4.94
C ARG A 71 -9.81 25.40 4.28
N TYR A 72 -8.76 25.34 3.46
CA TYR A 72 -8.32 26.53 2.74
C TYR A 72 -9.34 27.00 1.70
N GLU A 73 -10.41 26.23 1.44
CA GLU A 73 -11.39 26.66 0.47
C GLU A 73 -12.07 27.96 0.85
N ASP A 74 -12.16 28.25 2.15
CA ASP A 74 -12.77 29.49 2.60
C ASP A 74 -11.95 30.73 2.26
N LEU A 75 -10.66 30.58 1.94
CA LEU A 75 -9.81 31.73 1.69
C LEU A 75 -9.75 32.15 0.23
N VAL A 76 -10.30 31.34 -0.69
CA VAL A 76 -10.11 31.59 -2.12
C VAL A 76 -10.99 32.74 -2.57
N ASP A 77 -10.58 33.37 -3.68
CA ASP A 77 -11.39 34.43 -4.26
C ASP A 77 -12.51 33.85 -5.10
N ASP A 78 -13.09 34.64 -6.00
CA ASP A 78 -14.21 34.16 -6.80
C ASP A 78 -13.77 33.38 -8.02
N ALA A 79 -12.50 33.49 -8.42
CA ALA A 79 -11.95 32.64 -9.47
C ALA A 79 -11.38 31.36 -8.91
N GLY A 80 -11.50 31.13 -7.61
CA GLY A 80 -10.95 29.95 -6.98
C GLY A 80 -9.47 30.02 -6.73
N ARG A 81 -8.88 31.21 -6.66
CA ARG A 81 -7.45 31.35 -6.47
C ARG A 81 -7.17 31.60 -4.99
N VAL A 82 -6.06 31.05 -4.50
CA VAL A 82 -5.65 31.26 -3.12
C VAL A 82 -4.78 32.51 -3.09
N PRO A 83 -5.06 33.48 -2.22
CA PRO A 83 -4.26 34.71 -2.18
C PRO A 83 -2.80 34.40 -1.90
N PRO A 84 -1.88 35.13 -2.54
CA PRO A 84 -0.45 34.83 -2.38
C PRO A 84 0.06 34.82 -0.95
N GLU A 85 -0.53 35.62 -0.04
CA GLU A 85 -0.07 35.59 1.34
C GLU A 85 -0.39 34.27 2.05
N TRP A 86 -1.32 33.48 1.51
CA TRP A 86 -1.72 32.21 2.11
C TRP A 86 -1.14 31.00 1.38
N ARG A 87 -0.55 31.20 0.21
CA ARG A 87 -0.16 30.09 -0.66
C ARG A 87 0.79 29.13 0.05
N GLU A 88 1.83 29.65 0.69
CA GLU A 88 2.84 28.77 1.27
C GLU A 88 2.38 28.10 2.56
N HIS A 89 1.21 28.46 3.08
CA HIS A 89 0.70 27.89 4.32
C HIS A 89 -0.33 26.80 4.09
N VAL A 90 -0.90 26.70 2.89
CA VAL A 90 -1.92 25.71 2.62
C VAL A 90 -1.27 24.34 2.57
N PRO A 91 -1.67 23.39 3.42
CA PRO A 91 -1.10 22.04 3.37
C PRO A 91 -1.44 21.37 2.06
N PRO A 92 -0.44 20.86 1.34
CA PRO A 92 -0.70 20.25 0.04
C PRO A 92 -1.27 18.85 0.17
N PHE A 93 -1.87 18.39 -0.93
CA PHE A 93 -2.50 17.08 -0.94
C PHE A 93 -1.47 15.99 -1.09
N ASP A 94 -1.52 15.02 -0.19
CA ASP A 94 -0.68 13.82 -0.24
C ASP A 94 -1.63 12.63 -0.21
N PRO A 95 -1.72 11.83 -1.27
CA PRO A 95 -2.67 10.70 -1.26
C PRO A 95 -2.46 9.73 -0.11
N GLN A 96 -1.26 9.64 0.45
CA GLN A 96 -0.97 8.70 1.51
C GLN A 96 -1.14 9.30 2.90
N ARG A 97 -1.08 10.62 3.03
CA ARG A 97 -1.13 11.27 4.33
C ARG A 97 -2.34 12.16 4.55
N SER A 98 -2.97 12.68 3.49
CA SER A 98 -4.11 13.55 3.65
C SER A 98 -5.30 12.77 4.20
N ARG A 99 -5.94 13.32 5.23
CA ARG A 99 -7.08 12.65 5.84
C ARG A 99 -8.28 12.67 4.89
N ALA A 100 -9.20 11.74 5.13
CA ALA A 100 -10.51 11.84 4.51
C ALA A 100 -11.32 12.95 5.17
N ILE A 101 -12.24 13.53 4.41
CA ILE A 101 -13.02 14.63 4.94
C ILE A 101 -13.86 14.15 6.12
N ARG A 102 -13.98 15.00 7.14
CA ARG A 102 -14.70 14.60 8.35
C ARG A 102 -16.18 14.43 8.10
N ASP A 103 -16.74 15.16 7.14
CA ASP A 103 -18.17 15.09 6.88
C ASP A 103 -18.61 13.68 6.48
N ASN A 104 -17.73 12.92 5.84
CA ASN A 104 -18.08 11.59 5.36
C ASN A 104 -18.16 10.55 6.46
N GLY A 105 -17.80 10.91 7.70
CA GLY A 105 -17.91 10.00 8.81
C GLY A 105 -16.58 9.35 9.14
N VAL A 106 -16.59 8.60 10.24
CA VAL A 106 -15.38 7.96 10.73
C VAL A 106 -14.93 6.84 9.79
N LEU A 107 -15.87 6.16 9.13
CA LEU A 107 -15.52 4.96 8.37
C LEU A 107 -14.55 5.22 7.22
N PRO A 108 -14.78 6.21 6.33
CA PRO A 108 -13.81 6.41 5.24
C PRO A 108 -12.39 6.66 5.72
N GLU A 109 -12.23 7.35 6.85
CA GLU A 109 -10.89 7.56 7.40
C GLU A 109 -10.35 6.28 8.04
N PHE A 110 -11.21 5.51 8.71
CA PHE A 110 -10.77 4.24 9.27
C PHE A 110 -10.36 3.27 8.16
N LEU A 111 -11.10 3.28 7.04
CA LEU A 111 -10.70 2.45 5.91
C LEU A 111 -9.40 2.95 5.30
N ARG A 112 -9.24 4.27 5.18
CA ARG A 112 -8.04 4.82 4.55
C ARG A 112 -6.78 4.43 5.31
N THR A 113 -6.85 4.39 6.64
CA THR A 113 -5.70 4.07 7.47
C THR A 113 -5.60 2.57 7.78
N THR A 114 -6.39 1.74 7.11
CA THR A 114 -6.21 0.31 7.21
C THR A 114 -5.04 -0.09 6.30
N PRO A 115 -4.01 -0.75 6.84
CA PRO A 115 -2.86 -1.10 6.00
C PRO A 115 -3.28 -1.94 4.80
N GLY A 116 -2.89 -1.49 3.61
CA GLY A 116 -3.28 -2.12 2.37
C GLY A 116 -4.28 -1.35 1.56
N THR A 117 -4.90 -0.31 2.13
CA THR A 117 -5.87 0.51 1.41
C THR A 117 -5.14 1.53 0.55
N LEU A 118 -5.67 1.76 -0.65
CA LEU A 118 -5.14 2.75 -1.58
C LEU A 118 -6.12 3.91 -1.74
N ARG A 119 -5.57 5.07 -2.11
CA ARG A 119 -6.36 6.30 -2.21
C ARG A 119 -6.05 6.96 -3.54
N SER A 120 -7.09 7.35 -4.28
CA SER A 120 -6.89 7.90 -5.62
C SER A 120 -6.39 9.33 -5.57
N GLY A 121 -5.94 9.83 -6.72
CA GLY A 121 -5.17 11.05 -6.78
C GLY A 121 -5.93 12.36 -6.89
N ASN A 122 -7.22 12.30 -7.27
CA ASN A 122 -8.04 13.49 -7.33
C ASN A 122 -8.54 13.80 -5.91
N PRO A 123 -8.03 14.86 -5.27
CA PRO A 123 -8.30 15.07 -3.84
C PRO A 123 -9.78 15.15 -3.49
N GLY A 124 -10.50 16.08 -4.12
CA GLY A 124 -11.89 16.28 -3.77
C GLY A 124 -12.78 15.11 -4.12
N ALA A 125 -12.42 14.35 -5.15
CA ALA A 125 -13.20 13.22 -5.61
C ALA A 125 -12.58 11.88 -5.24
N SER A 126 -11.58 11.87 -4.38
CA SER A 126 -10.80 10.66 -4.11
C SER A 126 -11.64 9.57 -3.45
N LEU A 127 -11.39 8.33 -3.85
CA LEU A 127 -11.92 7.14 -3.21
C LEU A 127 -10.79 6.35 -2.56
N VAL A 128 -11.16 5.59 -1.54
CA VAL A 128 -10.27 4.59 -0.95
C VAL A 128 -10.78 3.22 -1.35
N ALA A 129 -9.86 2.29 -1.60
CA ALA A 129 -10.21 0.94 -2.00
C ALA A 129 -9.28 -0.04 -1.30
N LEU A 130 -9.85 -1.16 -0.85
CA LEU A 130 -9.10 -2.19 -0.14
C LEU A 130 -9.57 -3.55 -0.64
N GLY A 131 -8.67 -4.30 -1.28
CA GLY A 131 -9.02 -5.59 -1.82
C GLY A 131 -8.41 -5.89 -3.17
N ALA A 132 -9.07 -6.75 -3.95
CA ALA A 132 -8.47 -7.30 -5.17
C ALA A 132 -8.18 -6.20 -6.19
N LYS A 133 -9.16 -5.36 -6.49
CA LYS A 133 -9.03 -4.36 -7.55
C LYS A 133 -8.73 -2.96 -6.99
N ALA A 134 -8.14 -2.88 -5.80
CA ALA A 134 -7.89 -1.58 -5.19
C ALA A 134 -6.91 -0.76 -6.01
N GLU A 135 -5.88 -1.42 -6.58
CA GLU A 135 -4.88 -0.72 -7.36
C GLU A 135 -5.48 -0.16 -8.65
N TRP A 136 -6.38 -0.92 -9.28
CA TRP A 136 -7.07 -0.44 -10.47
C TRP A 136 -8.07 0.67 -10.15
N PHE A 137 -8.80 0.54 -9.04
CA PHE A 137 -9.79 1.54 -8.69
C PHE A 137 -9.16 2.90 -8.43
N THR A 138 -7.94 2.92 -7.90
CA THR A 138 -7.29 4.16 -7.48
C THR A 138 -6.29 4.68 -8.50
N ALA A 139 -6.15 4.00 -9.63
CA ALA A 139 -5.16 4.38 -10.64
C ALA A 139 -5.73 5.42 -11.61
N ASP A 140 -4.88 6.40 -11.95
CA ASP A 140 -5.13 7.34 -13.04
C ASP A 140 -6.46 8.10 -12.87
N HIS A 141 -6.68 8.63 -11.69
CA HIS A 141 -7.88 9.44 -11.46
C HIS A 141 -7.73 10.81 -12.13
N PRO A 142 -8.53 11.13 -13.15
CA PRO A 142 -8.39 12.43 -13.81
C PRO A 142 -8.63 13.58 -12.84
N LEU A 143 -7.76 14.59 -12.92
CA LEU A 143 -7.82 15.72 -12.01
C LEU A 143 -8.95 16.69 -12.35
N ASP A 144 -9.34 16.75 -13.62
CA ASP A 144 -10.47 17.55 -14.05
C ASP A 144 -11.68 16.66 -14.27
N TYR A 145 -12.84 17.10 -13.77
CA TYR A 145 -14.08 16.34 -13.82
C TYR A 145 -13.87 14.93 -13.29
N GLY A 146 -13.41 14.86 -12.04
CA GLY A 146 -13.03 13.62 -11.40
C GLY A 146 -14.19 12.74 -10.98
N TYR A 147 -15.40 13.11 -11.38
CA TYR A 147 -16.60 12.30 -11.17
C TYR A 147 -17.12 11.73 -12.47
N GLY A 148 -16.32 11.76 -13.54
CA GLY A 148 -16.78 11.36 -14.86
C GLY A 148 -16.25 10.07 -15.44
N GLU A 149 -15.74 10.15 -16.68
CA GLU A 149 -15.47 8.95 -17.47
C GLU A 149 -14.33 8.11 -16.91
N GLY A 150 -13.22 8.72 -16.54
CA GLY A 150 -12.09 7.94 -16.05
C GLY A 150 -12.01 7.75 -14.56
N SER A 151 -13.04 8.13 -13.83
CA SER A 151 -13.00 8.15 -12.37
C SER A 151 -13.21 6.76 -11.76
N PRO A 152 -12.86 6.61 -10.48
CA PRO A 152 -13.19 5.35 -9.78
C PRO A 152 -14.68 5.04 -9.77
N LEU A 153 -15.53 6.07 -9.75
CA LEU A 153 -16.97 5.83 -9.79
C LEU A 153 -17.38 5.19 -11.11
N ALA A 154 -16.78 5.63 -12.22
CA ALA A 154 -17.04 4.98 -13.50
C ALA A 154 -16.53 3.56 -13.49
N LYS A 155 -15.43 3.29 -12.80
CA LYS A 155 -14.92 1.93 -12.69
C LYS A 155 -15.84 1.07 -11.82
N LEU A 156 -16.46 1.67 -10.80
CA LEU A 156 -17.41 0.94 -9.98
C LEU A 156 -18.60 0.47 -10.81
N VAL A 157 -19.07 1.32 -11.74
CA VAL A 157 -20.09 0.89 -12.69
C VAL A 157 -19.50 -0.15 -13.64
N GLU A 158 -18.27 0.08 -14.08
CA GLU A 158 -17.60 -0.85 -15.00
C GLU A 158 -17.47 -2.23 -14.38
N ALA A 159 -17.20 -2.30 -13.08
CA ALA A 159 -16.98 -3.56 -12.39
C ALA A 159 -18.27 -4.23 -11.94
N GLY A 160 -19.43 -3.70 -12.30
CA GLY A 160 -20.68 -4.26 -11.80
C GLY A 160 -20.78 -4.22 -10.29
N GLY A 161 -20.20 -3.20 -9.67
CA GLY A 161 -20.17 -3.10 -8.23
C GLY A 161 -21.51 -2.72 -7.64
N LYS A 162 -21.52 -2.61 -6.31
CA LYS A 162 -22.71 -2.28 -5.57
C LYS A 162 -22.41 -1.18 -4.57
N VAL A 163 -23.45 -0.48 -4.14
CA VAL A 163 -23.33 0.60 -3.16
C VAL A 163 -24.22 0.26 -1.98
N LEU A 164 -23.65 0.34 -0.78
CA LEU A 164 -24.36 0.03 0.45
C LEU A 164 -24.53 1.30 1.27
N MET A 165 -25.78 1.67 1.54
CA MET A 165 -26.09 2.77 2.44
C MET A 165 -26.33 2.16 3.82
N LEU A 166 -25.31 2.19 4.67
CA LEU A 166 -25.37 1.52 5.97
C LEU A 166 -25.84 2.55 7.01
N GLY A 167 -27.16 2.72 7.07
CA GLY A 167 -27.77 3.66 8.00
C GLY A 167 -27.59 5.11 7.67
N ALA A 168 -26.88 5.44 6.59
CA ALA A 168 -26.61 6.81 6.21
C ALA A 168 -27.81 7.39 5.44
N PRO A 169 -28.03 8.70 5.56
CA PRO A 169 -29.06 9.33 4.73
C PRO A 169 -28.79 9.08 3.26
N LEU A 170 -29.87 8.81 2.51
CA LEU A 170 -29.74 8.36 1.14
C LEU A 170 -29.12 9.42 0.23
N ASP A 171 -29.15 10.68 0.62
CA ASP A 171 -28.60 11.75 -0.22
C ASP A 171 -27.07 11.79 -0.23
N THR A 172 -26.40 10.94 0.54
CA THR A 172 -24.95 10.90 0.59
C THR A 172 -24.35 9.91 -0.40
N LEU A 173 -25.15 9.38 -1.31
CA LEU A 173 -24.70 8.41 -2.32
C LEU A 173 -23.81 9.13 -3.33
N THR A 174 -22.49 9.01 -3.17
CA THR A 174 -21.55 9.75 -4.03
C THR A 174 -21.69 9.35 -5.49
N LEU A 175 -22.06 8.11 -5.77
CA LEU A 175 -22.13 7.65 -7.15
C LEU A 175 -23.09 8.48 -7.98
N LEU A 176 -24.11 9.08 -7.35
CA LEU A 176 -25.07 9.88 -8.11
C LEU A 176 -24.47 11.18 -8.63
N HIS A 177 -23.32 11.62 -8.09
CA HIS A 177 -22.60 12.71 -8.73
C HIS A 177 -22.04 12.28 -10.08
N HIS A 178 -21.73 11.00 -10.23
CA HIS A 178 -21.31 10.48 -11.53
C HIS A 178 -22.48 10.45 -12.49
N ALA A 179 -23.70 10.23 -11.99
CA ALA A 179 -24.87 10.37 -12.85
C ALA A 179 -25.09 11.83 -13.23
N GLU A 180 -24.87 12.75 -12.28
CA GLU A 180 -24.97 14.18 -12.59
C GLU A 180 -24.00 14.56 -13.70
N HIS A 181 -22.78 14.03 -13.65
CA HIS A 181 -21.78 14.33 -14.68
C HIS A 181 -22.24 13.86 -16.06
N LEU A 182 -22.81 12.66 -16.13
CA LEU A 182 -23.18 12.07 -17.42
C LEU A 182 -24.45 12.66 -18.00
N ALA A 183 -25.32 13.23 -17.17
CA ALA A 183 -26.64 13.66 -17.62
C ALA A 183 -26.55 14.78 -18.65
N ASP A 184 -27.26 14.61 -19.77
CA ASP A 184 -27.29 15.62 -20.82
C ASP A 184 -28.41 16.61 -20.49
N ILE A 185 -28.09 17.53 -19.59
CA ILE A 185 -29.04 18.54 -19.14
C ILE A 185 -28.36 19.90 -19.16
N PRO A 186 -29.10 20.99 -19.32
CA PRO A 186 -28.49 22.32 -19.33
C PRO A 186 -28.42 22.89 -17.92
N GLY A 187 -27.69 24.01 -17.81
CA GLY A 187 -27.59 24.68 -16.53
C GLY A 187 -26.70 24.01 -15.52
N LYS A 188 -25.77 23.16 -15.96
CA LYS A 188 -24.89 22.47 -15.03
C LYS A 188 -23.93 23.44 -14.36
N ARG A 189 -23.91 23.44 -13.04
CA ARG A 189 -23.04 24.34 -12.30
C ARG A 189 -21.60 23.84 -12.32
N ILE A 190 -20.66 24.77 -12.38
CA ILE A 190 -19.25 24.47 -12.59
C ILE A 190 -18.47 24.98 -11.39
N LYS A 191 -17.54 24.16 -10.90
CA LYS A 191 -16.64 24.54 -9.83
C LYS A 191 -15.21 24.63 -10.34
N ARG A 192 -14.54 25.73 -10.03
CA ARG A 192 -13.12 25.89 -10.34
C ARG A 192 -12.40 26.31 -9.08
N ILE A 193 -11.34 25.59 -8.73
CA ILE A 193 -10.59 25.84 -7.51
C ILE A 193 -9.13 25.46 -7.74
N GLU A 194 -8.24 26.16 -7.05
CA GLU A 194 -6.81 25.88 -7.08
C GLU A 194 -6.50 24.85 -6.00
N VAL A 195 -5.78 23.79 -6.37
CA VAL A 195 -5.47 22.69 -5.48
C VAL A 195 -3.95 22.60 -5.33
N PRO A 196 -3.42 22.56 -4.11
CA PRO A 196 -1.98 22.34 -3.92
C PRO A 196 -1.68 20.84 -3.86
N PHE A 197 -0.63 20.44 -4.56
CA PHE A 197 -0.23 19.04 -4.62
C PHE A 197 1.15 18.87 -4.00
N ALA A 198 1.28 17.86 -3.14
CA ALA A 198 2.57 17.53 -2.56
C ALA A 198 3.44 16.87 -3.61
N THR A 199 4.64 17.38 -3.79
CA THR A 199 5.58 16.88 -4.77
C THR A 199 6.95 16.73 -4.11
N PRO A 200 7.78 15.79 -4.58
CA PRO A 200 9.14 15.69 -4.02
C PRO A 200 9.94 16.98 -4.10
N THR A 201 9.64 17.88 -5.04
CA THR A 201 10.37 19.13 -5.16
C THR A 201 9.67 20.30 -4.47
N GLY A 202 8.51 20.09 -3.84
CA GLY A 202 7.79 21.16 -3.19
C GLY A 202 6.31 21.12 -3.54
N THR A 203 5.63 22.25 -3.38
CA THR A 203 4.20 22.34 -3.65
C THR A 203 3.95 22.78 -5.09
N GLN A 204 3.08 22.04 -5.78
CA GLN A 204 2.69 22.34 -7.15
C GLN A 204 1.21 22.68 -7.20
N TRP A 205 0.90 23.90 -7.64
CA TRP A 205 -0.49 24.37 -7.71
C TRP A 205 -1.08 24.08 -9.08
N ARG A 206 -2.35 23.70 -9.10
CA ARG A 206 -3.06 23.40 -10.34
C ARG A 206 -4.50 23.85 -10.21
N MET A 207 -5.05 24.37 -11.29
CA MET A 207 -6.45 24.75 -11.32
C MET A 207 -7.29 23.54 -11.70
N ILE A 208 -8.35 23.30 -10.93
CA ILE A 208 -9.22 22.13 -11.09
C ILE A 208 -10.58 22.62 -11.54
N GLU A 209 -11.11 22.03 -12.61
CA GLU A 209 -12.48 22.31 -13.06
C GLU A 209 -13.31 21.04 -12.99
N GLU A 210 -14.51 21.15 -12.45
CA GLU A 210 -15.44 20.05 -12.37
C GLU A 210 -16.84 20.62 -12.20
N PHE A 211 -17.84 19.78 -12.49
CA PHE A 211 -19.20 20.13 -12.12
C PHE A 211 -19.30 20.22 -10.60
N ASP A 212 -19.94 21.28 -10.12
CA ASP A 212 -19.98 21.55 -8.68
C ASP A 212 -20.80 20.47 -7.97
N THR A 213 -20.18 19.77 -7.03
CA THR A 213 -20.86 18.75 -6.24
C THR A 213 -21.26 19.24 -4.85
N GLY A 214 -20.96 20.49 -4.51
CA GLY A 214 -21.41 21.06 -3.25
C GLY A 214 -22.87 21.43 -3.21
N ASP A 215 -23.54 21.42 -4.36
CA ASP A 215 -24.96 21.68 -4.47
C ASP A 215 -25.49 20.84 -5.61
N PRO A 216 -26.82 20.75 -5.75
CA PRO A 216 -27.37 20.07 -6.94
C PRO A 216 -26.79 20.65 -8.21
N ILE A 217 -26.60 19.78 -9.21
CA ILE A 217 -25.89 20.18 -10.41
C ILE A 217 -26.62 21.29 -11.15
N VAL A 218 -27.94 21.33 -11.06
CA VAL A 218 -28.75 22.34 -11.74
C VAL A 218 -29.69 23.00 -10.74
N ALA A 219 -30.21 24.16 -11.15
CA ALA A 219 -31.14 24.90 -10.32
C ALA A 219 -32.50 24.20 -10.28
N GLY A 220 -33.25 24.49 -9.22
CA GLY A 220 -34.57 23.93 -9.05
C GLY A 220 -34.63 22.61 -8.33
N LEU A 221 -33.52 22.16 -7.76
CA LEU A 221 -33.46 20.91 -7.03
C LEU A 221 -33.14 21.18 -5.56
N ALA A 222 -33.76 20.39 -4.68
CA ALA A 222 -33.45 20.50 -3.27
C ALA A 222 -32.06 19.93 -3.00
N GLU A 223 -31.48 20.35 -1.87
CA GLU A 223 -30.12 19.95 -1.53
C GLU A 223 -29.99 18.44 -1.40
N ASP A 224 -30.97 17.78 -0.76
CA ASP A 224 -30.94 16.34 -0.54
C ASP A 224 -31.70 15.56 -1.62
N TYR A 225 -31.80 16.09 -2.84
CA TYR A 225 -32.60 15.46 -3.88
C TYR A 225 -32.08 14.09 -4.30
N PHE A 226 -30.84 13.72 -3.95
CA PHE A 226 -30.37 12.38 -4.23
C PHE A 226 -31.23 11.33 -3.54
N ALA A 227 -31.67 11.62 -2.30
CA ALA A 227 -32.50 10.67 -1.57
C ALA A 227 -33.81 10.37 -2.30
N GLY A 228 -34.37 11.37 -2.99
CA GLY A 228 -35.58 11.14 -3.76
C GLY A 228 -35.37 10.20 -4.94
N ILE A 229 -34.17 10.25 -5.53
CA ILE A 229 -33.86 9.35 -6.63
C ILE A 229 -33.72 7.92 -6.11
N VAL A 230 -32.99 7.75 -5.00
CA VAL A 230 -32.83 6.41 -4.43
C VAL A 230 -34.17 5.85 -3.99
N THR A 231 -35.02 6.69 -3.39
CA THR A 231 -36.35 6.27 -2.98
C THR A 231 -37.17 5.77 -4.17
N GLU A 232 -37.15 6.54 -5.26
CA GLU A 232 -37.89 6.12 -6.45
C GLU A 232 -37.25 4.90 -7.10
N PHE A 233 -35.93 4.76 -6.98
CA PHE A 233 -35.26 3.56 -7.49
C PHE A 233 -35.70 2.32 -6.71
N LEU A 234 -35.82 2.45 -5.38
CA LEU A 234 -36.32 1.34 -4.59
C LEU A 234 -37.78 1.05 -4.90
N ALA A 235 -38.59 2.11 -5.07
CA ALA A 235 -40.01 1.95 -5.33
C ALA A 235 -40.28 1.29 -6.68
N SER A 236 -39.36 1.36 -7.62
CA SER A 236 -39.53 0.73 -8.92
C SER A 236 -39.23 -0.76 -8.90
N GLY A 237 -38.95 -1.35 -7.74
CA GLY A 237 -38.67 -2.75 -7.63
C GLY A 237 -37.21 -3.13 -7.73
N GLN A 238 -36.30 -2.16 -7.70
CA GLN A 238 -34.88 -2.41 -7.77
C GLN A 238 -34.22 -2.10 -6.42
N GLY A 239 -33.10 -2.77 -6.16
CA GLY A 239 -32.41 -2.59 -4.90
C GLY A 239 -32.97 -3.47 -3.80
N ARG A 240 -32.25 -3.50 -2.68
CA ARG A 240 -32.61 -4.32 -1.53
C ARG A 240 -32.51 -3.49 -0.26
N GLN A 241 -33.46 -3.71 0.66
CA GLN A 241 -33.48 -3.05 1.95
C GLN A 241 -33.50 -4.07 3.06
N GLY A 242 -32.83 -3.76 4.16
CA GLY A 242 -32.72 -4.68 5.27
C GLY A 242 -31.83 -4.07 6.34
N LEU A 243 -31.69 -4.80 7.44
CA LEU A 243 -30.93 -4.32 8.58
C LEU A 243 -29.51 -4.87 8.54
N ILE A 244 -28.54 -3.98 8.77
CA ILE A 244 -27.16 -4.35 9.02
C ILE A 244 -26.87 -3.93 10.46
N GLY A 245 -26.79 -4.91 11.35
CA GLY A 245 -26.80 -4.58 12.76
C GLY A 245 -28.15 -3.99 13.12
N ALA A 246 -28.14 -2.80 13.71
CA ALA A 246 -29.38 -2.10 14.06
C ALA A 246 -29.72 -0.99 13.08
N ALA A 247 -28.98 -0.87 11.98
CA ALA A 247 -29.11 0.26 11.08
C ALA A 247 -29.93 -0.13 9.85
N PRO A 248 -31.05 0.53 9.57
CA PRO A 248 -31.74 0.30 8.29
C PRO A 248 -30.81 0.66 7.14
N SER A 249 -30.66 -0.29 6.20
CA SER A 249 -29.67 -0.15 5.15
C SER A 249 -30.29 -0.41 3.79
N VAL A 250 -29.61 0.10 2.76
CA VAL A 250 -30.02 -0.03 1.37
C VAL A 250 -28.83 -0.51 0.57
N LEU A 251 -29.07 -1.49 -0.31
CA LEU A 251 -28.05 -2.01 -1.21
C LEU A 251 -28.55 -1.87 -2.64
N VAL A 252 -27.75 -1.26 -3.50
CA VAL A 252 -28.15 -0.99 -4.87
C VAL A 252 -27.02 -1.37 -5.82
N ASP A 253 -27.39 -1.74 -7.05
CA ASP A 253 -26.42 -2.04 -8.09
C ASP A 253 -25.91 -0.73 -8.68
N ALA A 254 -24.58 -0.60 -8.77
CA ALA A 254 -23.98 0.68 -9.14
C ALA A 254 -24.37 1.10 -10.55
N ALA A 255 -24.36 0.16 -11.49
CA ALA A 255 -24.72 0.50 -12.87
C ALA A 255 -26.19 0.85 -13.00
N ALA A 256 -27.06 0.13 -12.27
CA ALA A 256 -28.49 0.36 -12.38
C ALA A 256 -28.88 1.71 -11.80
N ILE A 257 -28.37 2.04 -10.61
CA ILE A 257 -28.72 3.32 -9.99
C ILE A 257 -28.14 4.49 -10.78
N THR A 258 -26.99 4.30 -11.42
CA THR A 258 -26.41 5.36 -12.23
C THR A 258 -27.28 5.65 -13.45
N ALA A 259 -27.71 4.60 -14.15
CA ALA A 259 -28.58 4.78 -15.32
C ALA A 259 -29.92 5.37 -14.90
N PHE A 260 -30.44 4.96 -13.73
CA PHE A 260 -31.66 5.56 -13.22
C PHE A 260 -31.48 7.05 -12.96
N GLY A 261 -30.38 7.43 -12.32
CA GLY A 261 -30.14 8.83 -12.05
C GLY A 261 -29.98 9.66 -13.31
N VAL A 262 -29.27 9.13 -14.31
CA VAL A 262 -29.10 9.85 -15.56
C VAL A 262 -30.45 10.07 -16.22
N THR A 263 -31.27 9.02 -16.30
CA THR A 263 -32.60 9.14 -16.89
C THR A 263 -33.49 10.04 -16.05
N TRP A 264 -33.34 10.00 -14.72
CA TRP A 264 -34.13 10.85 -13.85
C TRP A 264 -33.85 12.33 -14.13
N LEU A 265 -32.58 12.69 -14.32
CA LEU A 265 -32.24 14.08 -14.59
C LEU A 265 -32.63 14.48 -16.00
N GLU A 266 -32.41 13.61 -16.98
CA GLU A 266 -32.69 13.96 -18.37
C GLU A 266 -34.18 13.96 -18.67
N LYS A 267 -34.99 13.32 -17.83
CA LYS A 267 -36.44 13.35 -17.99
C LYS A 267 -37.03 14.66 -17.47
N ARG A 268 -36.53 15.13 -16.32
CA ARG A 268 -37.01 16.36 -15.72
C ARG A 268 -36.38 17.59 -16.35
N PHE A 269 -35.11 17.53 -16.73
CA PHE A 269 -34.43 18.67 -17.34
C PHE A 269 -33.95 18.30 -18.74
N GLY A 270 -33.54 19.31 -19.49
CA GLY A 270 -33.10 19.12 -20.86
C GLY A 270 -34.05 18.37 -21.77
N THR A 271 -33.55 17.98 -22.93
CA THR A 271 -34.38 17.39 -23.98
C THR A 271 -34.17 15.89 -24.09
N SER B 7 12.38 -32.61 -4.63
CA SER B 7 13.52 -31.75 -4.91
C SER B 7 13.09 -30.29 -5.07
N PHE B 8 11.82 -30.02 -4.81
CA PHE B 8 11.30 -28.65 -4.84
C PHE B 8 11.56 -27.99 -3.50
N ALA B 9 12.25 -26.85 -3.52
CA ALA B 9 12.38 -26.04 -2.32
C ALA B 9 11.09 -25.28 -2.08
N THR B 10 10.63 -25.30 -0.84
CA THR B 10 9.34 -24.73 -0.48
C THR B 10 9.53 -23.67 0.58
N ARG B 11 8.46 -22.92 0.84
CA ARG B 11 8.51 -21.91 1.90
C ARG B 11 8.67 -22.57 3.26
N THR B 12 8.22 -23.82 3.40
CA THR B 12 8.46 -24.55 4.64
C THR B 12 9.93 -24.95 4.76
N SER B 13 10.53 -25.42 3.66
CA SER B 13 11.92 -25.84 3.71
C SER B 13 12.87 -24.66 3.85
N LEU B 14 12.59 -23.56 3.14
CA LEU B 14 13.45 -22.39 3.20
C LEU B 14 13.37 -21.71 4.56
N ALA B 15 12.18 -21.68 5.16
CA ALA B 15 12.06 -21.11 6.50
C ALA B 15 12.87 -21.92 7.51
N ALA B 16 12.91 -23.23 7.34
CA ALA B 16 13.74 -24.06 8.21
C ALA B 16 15.22 -23.73 8.02
N ASP B 17 15.65 -23.53 6.77
CA ASP B 17 17.02 -23.08 6.52
C ASP B 17 17.27 -21.71 7.15
N LEU B 18 16.28 -20.81 7.06
CA LEU B 18 16.44 -19.47 7.61
C LEU B 18 16.54 -19.49 9.13
N ALA B 19 15.75 -20.35 9.79
CA ALA B 19 15.85 -20.44 11.24
C ALA B 19 17.19 -20.99 11.68
N ALA B 20 17.69 -22.02 10.98
CA ALA B 20 18.98 -22.60 11.34
C ALA B 20 20.12 -21.60 11.15
N LEU B 21 19.97 -20.67 10.19
CA LEU B 21 20.99 -19.66 9.97
C LEU B 21 20.97 -18.57 11.04
N GLY B 22 19.82 -18.33 11.67
CA GLY B 22 19.75 -17.33 12.71
C GLY B 22 18.66 -16.29 12.54
N LEU B 23 17.95 -16.30 11.43
CA LEU B 23 16.84 -15.36 11.26
C LEU B 23 15.79 -15.62 12.32
N ALA B 24 15.39 -14.57 13.03
CA ALA B 24 14.61 -14.70 14.25
C ALA B 24 13.25 -14.03 14.13
N TRP B 25 12.33 -14.49 14.97
CA TRP B 25 10.99 -13.90 15.09
C TRP B 25 11.06 -12.41 15.34
N GLY B 26 10.35 -11.64 14.51
CA GLY B 26 10.28 -10.20 14.66
C GLY B 26 11.40 -9.42 14.02
N ASP B 27 12.31 -10.06 13.31
CA ASP B 27 13.46 -9.37 12.73
C ASP B 27 13.07 -8.48 11.57
N ALA B 28 13.79 -7.38 11.42
CA ALA B 28 13.79 -6.60 10.18
C ALA B 28 14.96 -7.09 9.35
N ILE B 29 14.67 -7.82 8.27
CA ILE B 29 15.68 -8.51 7.50
C ILE B 29 15.77 -7.87 6.11
N MET B 30 16.97 -7.44 5.75
CA MET B 30 17.26 -6.94 4.41
C MET B 30 17.97 -8.04 3.63
N VAL B 31 17.52 -8.31 2.41
CA VAL B 31 17.95 -9.48 1.67
C VAL B 31 18.64 -9.04 0.38
N HIS B 32 19.81 -9.62 0.12
CA HIS B 32 20.48 -9.56 -1.18
C HIS B 32 20.61 -11.00 -1.66
N ALA B 33 19.89 -11.34 -2.72
CA ALA B 33 19.78 -12.73 -3.14
C ALA B 33 20.24 -12.91 -4.58
N ALA B 34 20.88 -14.04 -4.84
CA ALA B 34 21.06 -14.57 -6.18
C ALA B 34 20.20 -15.82 -6.22
N VAL B 35 18.90 -15.62 -6.47
CA VAL B 35 17.92 -16.69 -6.25
C VAL B 35 18.17 -17.89 -7.15
N SER B 36 18.85 -17.72 -8.29
CA SER B 36 19.15 -18.85 -9.15
C SER B 36 20.02 -19.89 -8.44
N ARG B 37 20.69 -19.50 -7.36
CA ARG B 37 21.52 -20.41 -6.60
C ARG B 37 20.75 -21.12 -5.49
N VAL B 38 19.49 -20.76 -5.26
CA VAL B 38 18.73 -21.38 -4.18
C VAL B 38 18.26 -22.77 -4.56
N GLY B 39 18.16 -23.07 -5.85
CA GLY B 39 17.67 -24.34 -6.34
C GLY B 39 16.29 -24.19 -6.95
N ARG B 40 15.69 -25.33 -7.27
CA ARG B 40 14.34 -25.33 -7.83
C ARG B 40 13.33 -24.92 -6.77
N LEU B 41 12.58 -23.86 -7.06
CA LEU B 41 11.62 -23.30 -6.13
C LEU B 41 10.20 -23.58 -6.64
N LEU B 42 9.32 -23.97 -5.71
CA LEU B 42 7.97 -24.35 -6.09
C LEU B 42 7.16 -23.16 -6.56
N ASP B 43 7.35 -21.99 -5.93
CA ASP B 43 6.66 -20.76 -6.33
C ASP B 43 7.62 -19.71 -6.86
N GLY B 44 8.74 -20.13 -7.43
CA GLY B 44 9.73 -19.22 -7.95
C GLY B 44 10.29 -18.33 -6.86
N PRO B 45 10.69 -17.11 -7.22
CA PRO B 45 11.28 -16.21 -6.22
C PRO B 45 10.34 -15.87 -5.07
N ASP B 46 9.03 -15.94 -5.29
CA ASP B 46 8.08 -15.66 -4.20
C ASP B 46 8.18 -16.68 -3.08
N THR B 47 8.71 -17.87 -3.35
CA THR B 47 8.96 -18.83 -2.29
C THR B 47 9.85 -18.24 -1.20
N ILE B 48 10.91 -17.53 -1.61
CA ILE B 48 11.85 -16.94 -0.66
C ILE B 48 11.16 -15.85 0.16
N ILE B 49 10.37 -15.00 -0.50
CA ILE B 49 9.69 -13.92 0.21
C ILE B 49 8.71 -14.49 1.24
N ALA B 50 7.94 -15.51 0.85
CA ALA B 50 7.01 -16.13 1.78
C ALA B 50 7.72 -16.77 2.96
N ALA B 51 8.84 -17.43 2.70
CA ALA B 51 9.61 -18.04 3.79
C ALA B 51 10.17 -16.99 4.74
N LEU B 52 10.67 -15.88 4.19
CA LEU B 52 11.21 -14.83 5.04
C LEU B 52 10.12 -14.23 5.93
N ARG B 53 8.91 -14.05 5.38
CA ARG B 53 7.81 -13.52 6.17
C ARG B 53 7.35 -14.52 7.23
N ASP B 54 7.38 -15.82 6.89
CA ASP B 54 7.00 -16.85 7.86
C ASP B 54 7.97 -16.90 9.03
N THR B 55 9.25 -16.63 8.78
CA THR B 55 10.26 -16.71 9.84
C THR B 55 10.22 -15.51 10.77
N VAL B 56 10.05 -14.30 10.23
CA VAL B 56 10.07 -13.12 11.08
C VAL B 56 8.72 -12.82 11.72
N GLY B 57 7.62 -13.30 11.14
CA GLY B 57 6.31 -13.10 11.72
C GLY B 57 5.72 -11.75 11.38
N PRO B 58 4.51 -11.48 11.87
CA PRO B 58 3.85 -10.20 11.57
C PRO B 58 4.54 -9.01 12.21
N GLY B 59 5.35 -9.22 13.25
CA GLY B 59 6.13 -8.16 13.84
C GLY B 59 7.43 -7.84 13.13
N GLY B 60 7.85 -8.68 12.19
CA GLY B 60 9.06 -8.45 11.44
C GLY B 60 8.82 -7.68 10.15
N THR B 61 9.92 -7.37 9.47
CA THR B 61 9.88 -6.62 8.22
C THR B 61 10.88 -7.21 7.24
N VAL B 62 10.49 -7.30 5.97
CA VAL B 62 11.34 -7.81 4.91
C VAL B 62 11.69 -6.65 3.98
N LEU B 63 12.99 -6.47 3.72
CA LEU B 63 13.48 -5.33 2.96
C LEU B 63 14.44 -5.80 1.88
N ALA B 64 14.54 -4.99 0.81
CA ALA B 64 15.50 -5.22 -0.26
C ALA B 64 15.89 -3.88 -0.86
N TYR B 65 17.08 -3.82 -1.44
CA TYR B 65 17.54 -2.61 -2.11
C TYR B 65 16.96 -2.59 -3.52
N ALA B 66 16.10 -1.60 -3.78
CA ALA B 66 15.38 -1.53 -5.04
C ALA B 66 16.12 -0.73 -6.11
N ASP B 67 16.63 0.45 -5.74
CA ASP B 67 17.22 1.38 -6.70
C ASP B 67 16.14 1.74 -7.71
N TRP B 68 16.52 2.14 -8.93
CA TRP B 68 15.52 2.42 -9.94
C TRP B 68 16.15 2.33 -11.31
N GLU B 69 15.42 1.70 -12.24
CA GLU B 69 15.89 1.51 -13.61
C GLU B 69 15.84 2.84 -14.34
N ALA B 70 16.99 3.48 -14.51
CA ALA B 70 17.02 4.84 -15.08
C ALA B 70 18.19 4.97 -16.04
N ARG B 71 17.94 4.61 -17.29
CA ARG B 71 18.97 4.61 -18.32
C ARG B 71 19.32 5.99 -18.84
N TYR B 72 18.67 7.06 -18.38
CA TYR B 72 19.00 8.39 -18.86
C TYR B 72 20.35 8.89 -18.36
N GLU B 73 21.02 8.17 -17.44
CA GLU B 73 22.33 8.59 -16.96
C GLU B 73 23.37 8.58 -18.08
N ASP B 74 23.16 7.75 -19.11
CA ASP B 74 24.09 7.75 -20.23
C ASP B 74 24.05 9.08 -21.00
N LEU B 75 22.96 9.83 -20.89
CA LEU B 75 22.83 11.05 -21.67
C LEU B 75 23.28 12.31 -20.94
N VAL B 76 23.55 12.24 -19.64
CA VAL B 76 23.83 13.46 -18.88
C VAL B 76 25.22 13.99 -19.20
N ASP B 77 25.39 15.31 -19.06
CA ASP B 77 26.69 15.94 -19.30
C ASP B 77 27.61 15.84 -18.08
N ASP B 78 28.63 16.70 -17.97
CA ASP B 78 29.52 16.62 -16.82
C ASP B 78 28.99 17.32 -15.59
N ALA B 79 27.97 18.17 -15.71
CA ALA B 79 27.34 18.73 -14.54
C ALA B 79 26.20 17.86 -14.03
N GLY B 80 25.98 16.72 -14.67
CA GLY B 80 24.85 15.88 -14.33
C GLY B 80 23.56 16.39 -14.91
N ARG B 81 23.62 17.19 -15.96
CA ARG B 81 22.43 17.77 -16.56
C ARG B 81 21.99 16.91 -17.72
N VAL B 82 20.67 16.80 -17.89
CA VAL B 82 20.09 16.05 -19.01
C VAL B 82 19.99 17.02 -20.17
N PRO B 83 20.47 16.66 -21.35
CA PRO B 83 20.41 17.57 -22.51
C PRO B 83 18.97 17.95 -22.81
N PRO B 84 18.74 19.22 -23.16
CA PRO B 84 17.35 19.67 -23.40
C PRO B 84 16.60 18.85 -24.45
N GLU B 85 17.27 18.28 -25.46
CA GLU B 85 16.52 17.50 -26.44
C GLU B 85 15.99 16.20 -25.85
N TRP B 86 16.53 15.72 -24.72
CA TRP B 86 16.09 14.48 -24.10
C TRP B 86 15.23 14.68 -22.86
N ARG B 87 15.13 15.91 -22.34
CA ARG B 87 14.48 16.16 -21.06
C ARG B 87 13.04 15.66 -21.05
N GLU B 88 12.31 15.97 -22.12
CA GLU B 88 10.87 15.72 -22.21
C GLU B 88 10.55 14.25 -22.42
N HIS B 89 11.54 13.41 -22.71
CA HIS B 89 11.37 11.99 -22.97
C HIS B 89 11.79 11.09 -21.82
N VAL B 90 12.53 11.60 -20.85
CA VAL B 90 13.03 10.79 -19.74
C VAL B 90 11.88 10.36 -18.85
N PRO B 91 11.68 9.07 -18.65
CA PRO B 91 10.61 8.62 -17.75
C PRO B 91 10.89 9.05 -16.32
N PRO B 92 9.95 9.74 -15.69
CA PRO B 92 10.18 10.22 -14.32
C PRO B 92 9.98 9.12 -13.29
N PHE B 93 10.53 9.35 -12.10
CA PHE B 93 10.46 8.38 -11.02
C PHE B 93 9.08 8.39 -10.37
N ASP B 94 8.47 7.22 -10.26
CA ASP B 94 7.21 7.04 -9.54
C ASP B 94 7.44 5.93 -8.52
N PRO B 95 7.40 6.23 -7.22
CA PRO B 95 7.70 5.20 -6.22
C PRO B 95 6.80 3.97 -6.31
N GLN B 96 5.61 4.10 -6.89
CA GLN B 96 4.69 2.99 -6.99
C GLN B 96 4.81 2.22 -8.30
N ARG B 97 5.35 2.86 -9.34
CA ARG B 97 5.40 2.28 -10.68
C ARG B 97 6.81 2.04 -11.21
N SER B 98 7.81 2.79 -10.73
CA SER B 98 9.17 2.61 -11.23
C SER B 98 9.72 1.25 -10.80
N ARG B 99 10.31 0.54 -11.76
CA ARG B 99 10.84 -0.78 -11.47
C ARG B 99 12.07 -0.68 -10.57
N ALA B 100 12.37 -1.77 -9.88
CA ALA B 100 13.66 -1.89 -9.24
C ALA B 100 14.73 -2.11 -10.30
N ILE B 101 15.95 -1.68 -10.01
CA ILE B 101 17.02 -1.77 -11.00
C ILE B 101 17.29 -3.24 -11.29
N ARG B 102 17.56 -3.54 -12.56
CA ARG B 102 17.72 -4.92 -12.98
C ARG B 102 19.00 -5.54 -12.41
N ASP B 103 20.02 -4.72 -12.15
CA ASP B 103 21.27 -5.24 -11.62
C ASP B 103 21.07 -5.91 -10.26
N ASN B 104 20.08 -5.47 -9.48
CA ASN B 104 19.86 -6.00 -8.14
C ASN B 104 19.18 -7.36 -8.14
N GLY B 105 18.74 -7.86 -9.28
CA GLY B 105 18.16 -9.18 -9.37
C GLY B 105 16.64 -9.16 -9.36
N VAL B 106 16.07 -10.35 -9.56
CA VAL B 106 14.62 -10.50 -9.65
C VAL B 106 13.95 -10.23 -8.31
N LEU B 107 14.62 -10.56 -7.19
CA LEU B 107 13.96 -10.49 -5.89
C LEU B 107 13.50 -9.10 -5.50
N PRO B 108 14.33 -8.04 -5.60
CA PRO B 108 13.80 -6.71 -5.23
C PRO B 108 12.59 -6.29 -6.02
N GLU B 109 12.51 -6.66 -7.30
CA GLU B 109 11.33 -6.32 -8.10
C GLU B 109 10.13 -7.17 -7.71
N PHE B 110 10.36 -8.46 -7.43
CA PHE B 110 9.28 -9.32 -6.98
C PHE B 110 8.77 -8.89 -5.61
N LEU B 111 9.67 -8.45 -4.72
CA LEU B 111 9.24 -7.93 -3.44
C LEU B 111 8.47 -6.62 -3.62
N ARG B 112 8.94 -5.74 -4.51
CA ARG B 112 8.29 -4.46 -4.72
C ARG B 112 6.87 -4.63 -5.22
N THR B 113 6.64 -5.63 -6.08
CA THR B 113 5.35 -5.88 -6.67
C THR B 113 4.51 -6.86 -5.88
N THR B 114 4.92 -7.21 -4.67
CA THR B 114 4.05 -7.95 -3.77
C THR B 114 3.07 -6.98 -3.13
N PRO B 115 1.76 -7.19 -3.25
CA PRO B 115 0.79 -6.25 -2.68
C PRO B 115 1.02 -6.04 -1.18
N GLY B 116 1.16 -4.79 -0.79
CA GLY B 116 1.47 -4.42 0.58
C GLY B 116 2.88 -3.90 0.78
N THR B 117 3.75 -4.05 -0.21
CA THR B 117 5.11 -3.57 -0.10
C THR B 117 5.17 -2.08 -0.40
N LEU B 118 5.97 -1.35 0.38
CA LEU B 118 6.17 0.06 0.19
C LEU B 118 7.59 0.32 -0.30
N ARG B 119 7.77 1.46 -0.96
CA ARG B 119 9.04 1.82 -1.57
C ARG B 119 9.37 3.26 -1.22
N SER B 120 10.60 3.50 -0.77
CA SER B 120 10.97 4.83 -0.29
C SER B 120 11.17 5.78 -1.47
N GLY B 121 11.27 7.07 -1.14
CA GLY B 121 11.18 8.12 -2.15
C GLY B 121 12.45 8.53 -2.86
N ASN B 122 13.62 8.16 -2.33
CA ASN B 122 14.88 8.46 -2.99
C ASN B 122 15.11 7.43 -4.07
N PRO B 123 15.01 7.81 -5.36
CA PRO B 123 15.02 6.81 -6.45
C PRO B 123 16.24 5.91 -6.43
N GLY B 124 17.43 6.50 -6.50
CA GLY B 124 18.64 5.70 -6.57
C GLY B 124 18.92 4.92 -5.30
N ALA B 125 18.47 5.42 -4.16
CA ALA B 125 18.72 4.78 -2.87
C ALA B 125 17.49 4.08 -2.31
N SER B 126 16.44 3.93 -3.12
CA SER B 126 15.16 3.44 -2.59
C SER B 126 15.25 2.02 -2.07
N LEU B 127 14.58 1.76 -0.96
CA LEU B 127 14.39 0.42 -0.44
C LEU B 127 12.92 0.05 -0.54
N VAL B 128 12.67 -1.25 -0.59
CA VAL B 128 11.32 -1.79 -0.50
C VAL B 128 11.19 -2.46 0.87
N ALA B 129 10.01 -2.33 1.47
CA ALA B 129 9.77 -2.92 2.78
C ALA B 129 8.37 -3.53 2.81
N LEU B 130 8.27 -4.69 3.44
CA LEU B 130 7.01 -5.41 3.56
C LEU B 130 6.92 -6.01 4.95
N GLY B 131 5.95 -5.55 5.74
CA GLY B 131 5.78 -6.04 7.09
C GLY B 131 5.41 -4.97 8.09
N ALA B 132 5.75 -5.20 9.36
CA ALA B 132 5.25 -4.35 10.44
C ALA B 132 5.69 -2.90 10.28
N LYS B 133 6.99 -2.67 10.09
CA LYS B 133 7.55 -1.33 10.05
C LYS B 133 7.79 -0.82 8.63
N ALA B 134 7.04 -1.35 7.66
CA ALA B 134 7.26 -0.95 6.27
C ALA B 134 6.96 0.53 6.07
N GLU B 135 5.91 1.04 6.72
CA GLU B 135 5.55 2.45 6.56
C GLU B 135 6.63 3.36 7.14
N TRP B 136 7.18 2.97 8.29
CA TRP B 136 8.26 3.76 8.90
C TRP B 136 9.55 3.66 8.11
N PHE B 137 9.87 2.46 7.60
CA PHE B 137 11.11 2.28 6.85
C PHE B 137 11.15 3.12 5.57
N THR B 138 9.99 3.34 4.95
CA THR B 138 9.92 4.00 3.65
C THR B 138 9.51 5.46 3.76
N ALA B 139 9.33 5.99 4.96
CA ALA B 139 8.89 7.36 5.15
C ALA B 139 10.08 8.31 5.13
N ASP B 140 9.89 9.45 4.46
CA ASP B 140 10.78 10.61 4.53
C ASP B 140 12.23 10.26 4.19
N HIS B 141 12.42 9.56 3.08
CA HIS B 141 13.77 9.25 2.63
C HIS B 141 14.42 10.52 2.08
N PRO B 142 15.48 11.04 2.72
CA PRO B 142 16.08 12.29 2.24
C PRO B 142 16.63 12.13 0.83
N LEU B 143 16.35 13.14 -0.01
CA LEU B 143 16.75 13.08 -1.42
C LEU B 143 18.23 13.35 -1.61
N ASP B 144 18.84 14.12 -0.72
CA ASP B 144 20.28 14.35 -0.73
C ASP B 144 20.95 13.48 0.32
N TYR B 145 22.05 12.85 -0.05
CA TYR B 145 22.78 11.93 0.81
C TYR B 145 21.84 10.87 1.39
N GLY B 146 21.18 10.15 0.48
CA GLY B 146 20.16 9.18 0.83
C GLY B 146 20.66 7.89 1.42
N TYR B 147 21.97 7.81 1.70
CA TYR B 147 22.54 6.67 2.40
C TYR B 147 23.00 7.04 3.81
N GLY B 148 22.63 8.22 4.29
CA GLY B 148 23.10 8.67 5.57
C GLY B 148 22.04 8.75 6.64
N GLU B 149 21.96 9.88 7.33
CA GLU B 149 21.09 10.02 8.48
C GLU B 149 19.63 10.03 8.04
N GLY B 150 18.77 9.42 8.85
CA GLY B 150 17.35 9.36 8.54
C GLY B 150 16.97 8.50 7.35
N SER B 151 17.93 7.80 6.75
CA SER B 151 17.64 6.96 5.59
C SER B 151 17.09 5.62 6.04
N PRO B 152 16.48 4.85 5.12
CA PRO B 152 16.06 3.49 5.49
C PRO B 152 17.21 2.62 5.98
N LEU B 153 18.42 2.78 5.44
CA LEU B 153 19.56 2.02 5.94
C LEU B 153 19.90 2.42 7.37
N ALA B 154 19.82 3.71 7.68
CA ALA B 154 20.01 4.15 9.06
C ALA B 154 18.91 3.61 9.96
N LYS B 155 17.70 3.46 9.43
CA LYS B 155 16.63 2.88 10.23
C LYS B 155 16.83 1.39 10.46
N LEU B 156 17.39 0.67 9.48
CA LEU B 156 17.69 -0.75 9.69
C LEU B 156 18.69 -0.96 10.81
N VAL B 157 19.71 -0.10 10.91
CA VAL B 157 20.61 -0.14 12.04
C VAL B 157 19.87 0.26 13.32
N GLU B 158 19.03 1.29 13.22
CA GLU B 158 18.27 1.77 14.37
C GLU B 158 17.36 0.69 14.94
N ALA B 159 16.77 -0.12 14.07
CA ALA B 159 15.81 -1.15 14.45
C ALA B 159 16.50 -2.46 14.86
N GLY B 160 17.82 -2.49 14.95
CA GLY B 160 18.50 -3.75 15.24
C GLY B 160 18.29 -4.80 14.19
N GLY B 161 18.17 -4.40 12.93
CA GLY B 161 17.89 -5.33 11.85
C GLY B 161 19.10 -6.16 11.46
N LYS B 162 18.87 -7.03 10.48
CA LYS B 162 19.89 -7.93 9.98
C LYS B 162 19.90 -7.87 8.46
N VAL B 163 21.02 -8.30 7.87
CA VAL B 163 21.19 -8.36 6.42
C VAL B 163 21.51 -9.79 6.03
N LEU B 164 20.77 -10.30 5.04
CA LEU B 164 20.95 -11.67 4.57
C LEU B 164 21.51 -11.64 3.14
N MET B 165 22.68 -12.23 2.97
CA MET B 165 23.27 -12.44 1.66
C MET B 165 22.88 -13.85 1.22
N LEU B 166 21.82 -13.94 0.43
CA LEU B 166 21.30 -15.25 0.02
C LEU B 166 21.94 -15.64 -1.30
N GLY B 167 23.14 -16.21 -1.19
CA GLY B 167 23.90 -16.59 -2.36
C GLY B 167 24.52 -15.45 -3.15
N ALA B 168 24.30 -14.21 -2.72
CA ALA B 168 24.80 -13.05 -3.43
C ALA B 168 26.26 -12.79 -3.09
N PRO B 169 27.03 -12.26 -4.04
CA PRO B 169 28.41 -11.85 -3.73
C PRO B 169 28.42 -10.79 -2.63
N LEU B 170 29.40 -10.92 -1.73
CA LEU B 170 29.44 -10.09 -0.53
C LEU B 170 29.61 -8.60 -0.87
N ASP B 171 30.11 -8.28 -2.06
CA ASP B 171 30.30 -6.87 -2.41
C ASP B 171 29.00 -6.15 -2.73
N THR B 172 27.86 -6.84 -2.74
CA THR B 172 26.58 -6.22 -3.00
C THR B 172 25.84 -5.80 -1.73
N LEU B 173 26.51 -5.85 -0.58
CA LEU B 173 25.90 -5.45 0.69
C LEU B 173 25.74 -3.93 0.70
N THR B 174 24.53 -3.46 0.38
CA THR B 174 24.28 -2.03 0.24
C THR B 174 24.52 -1.26 1.54
N LEU B 175 24.29 -1.90 2.68
CA LEU B 175 24.41 -1.20 3.96
C LEU B 175 25.79 -0.60 4.16
N LEU B 176 26.82 -1.18 3.53
CA LEU B 176 28.16 -0.64 3.69
C LEU B 176 28.31 0.73 3.04
N HIS B 177 27.39 1.11 2.13
CA HIS B 177 27.36 2.49 1.65
C HIS B 177 26.94 3.45 2.77
N HIS B 178 26.13 2.97 3.72
CA HIS B 178 25.81 3.79 4.88
C HIS B 178 27.02 3.94 5.79
N ALA B 179 27.87 2.92 5.87
CA ALA B 179 29.12 3.04 6.59
C ALA B 179 30.07 4.02 5.90
N GLU B 180 30.11 3.98 4.57
CA GLU B 180 30.90 4.95 3.80
C GLU B 180 30.46 6.37 4.10
N HIS B 181 29.15 6.60 4.18
CA HIS B 181 28.63 7.94 4.46
C HIS B 181 29.08 8.41 5.84
N LEU B 182 29.05 7.53 6.84
CA LEU B 182 29.35 7.90 8.20
C LEU B 182 30.85 8.05 8.47
N ALA B 183 31.70 7.40 7.69
CA ALA B 183 33.13 7.35 7.99
C ALA B 183 33.75 8.74 7.91
N ASP B 184 34.52 9.09 8.94
CA ASP B 184 35.22 10.37 8.99
C ASP B 184 36.57 10.22 8.30
N ILE B 185 36.53 10.30 6.96
CA ILE B 185 37.74 10.20 6.15
C ILE B 185 37.71 11.29 5.10
N PRO B 186 38.88 11.73 4.65
CA PRO B 186 38.93 12.76 3.60
C PRO B 186 38.93 12.14 2.20
N GLY B 187 38.73 13.00 1.21
CA GLY B 187 38.73 12.55 -0.17
C GLY B 187 37.49 11.82 -0.59
N LYS B 188 36.38 12.01 0.11
CA LYS B 188 35.13 11.32 -0.22
C LYS B 188 34.57 11.84 -1.54
N ARG B 189 34.31 10.92 -2.47
CA ARG B 189 33.81 11.24 -3.79
C ARG B 189 32.31 11.53 -3.76
N ILE B 190 31.89 12.49 -4.60
CA ILE B 190 30.53 12.99 -4.61
C ILE B 190 29.93 12.81 -6.00
N LYS B 191 28.69 12.33 -6.06
CA LYS B 191 27.95 12.17 -7.29
C LYS B 191 26.81 13.18 -7.32
N ARG B 192 26.70 13.91 -8.42
CA ARG B 192 25.64 14.90 -8.60
C ARG B 192 24.97 14.66 -9.94
N ILE B 193 23.65 14.47 -9.94
CA ILE B 193 22.91 14.17 -11.16
C ILE B 193 21.49 14.69 -11.00
N GLU B 194 20.85 15.00 -12.13
CA GLU B 194 19.46 15.43 -12.16
C GLU B 194 18.54 14.21 -12.18
N VAL B 195 17.53 14.20 -11.31
CA VAL B 195 16.58 13.10 -11.21
C VAL B 195 15.19 13.66 -11.49
N PRO B 196 14.45 13.06 -12.42
CA PRO B 196 13.05 13.49 -12.65
C PRO B 196 12.07 12.77 -11.75
N PHE B 197 11.12 13.53 -11.20
CA PHE B 197 10.12 13.00 -10.28
C PHE B 197 8.73 13.15 -10.89
N ALA B 198 7.96 12.06 -10.84
CA ALA B 198 6.58 12.10 -11.32
C ALA B 198 5.71 12.84 -10.32
N THR B 199 4.97 13.83 -10.79
CA THR B 199 4.09 14.63 -9.94
C THR B 199 2.75 14.81 -10.64
N PRO B 200 1.68 15.05 -9.87
CA PRO B 200 0.37 15.33 -10.50
C PRO B 200 0.39 16.47 -11.50
N THR B 201 1.33 17.41 -11.39
CA THR B 201 1.39 18.54 -12.30
C THR B 201 2.35 18.32 -13.47
N GLY B 202 3.05 17.18 -13.52
CA GLY B 202 4.00 16.87 -14.56
C GLY B 202 5.30 16.38 -13.96
N THR B 203 6.38 16.47 -14.72
CA THR B 203 7.69 16.03 -14.27
C THR B 203 8.42 17.19 -13.61
N GLN B 204 8.94 16.96 -12.41
CA GLN B 204 9.70 17.97 -11.68
C GLN B 204 11.14 17.50 -11.53
N TRP B 205 12.08 18.29 -12.04
CA TRP B 205 13.50 17.94 -12.02
C TRP B 205 14.15 18.49 -10.76
N ARG B 206 15.07 17.71 -10.20
CA ARG B 206 15.80 18.11 -9.01
C ARG B 206 17.21 17.58 -9.08
N MET B 207 18.17 18.38 -8.63
CA MET B 207 19.57 17.95 -8.56
C MET B 207 19.79 17.21 -7.25
N ILE B 208 20.42 16.05 -7.33
CA ILE B 208 20.64 15.18 -6.18
C ILE B 208 22.13 15.17 -5.90
N GLU B 209 22.50 15.38 -4.64
CA GLU B 209 23.89 15.27 -4.21
C GLU B 209 24.01 14.14 -3.20
N GLU B 210 24.99 13.27 -3.40
CA GLU B 210 25.27 12.17 -2.49
C GLU B 210 26.70 11.75 -2.69
N PHE B 211 27.23 11.03 -1.70
CA PHE B 211 28.52 10.37 -1.90
C PHE B 211 28.36 9.29 -2.96
N ASP B 212 29.29 9.25 -3.90
CA ASP B 212 29.17 8.36 -5.04
C ASP B 212 29.24 6.90 -4.59
N THR B 213 28.17 6.15 -4.86
CA THR B 213 28.12 4.72 -4.54
C THR B 213 28.36 3.85 -5.74
N GLY B 214 28.58 4.44 -6.92
CA GLY B 214 28.96 3.68 -8.10
C GLY B 214 30.40 3.25 -8.11
N ASP B 215 31.21 3.77 -7.19
CA ASP B 215 32.59 3.39 -7.04
C ASP B 215 32.94 3.46 -5.56
N PRO B 216 34.09 2.94 -5.16
CA PRO B 216 34.54 3.11 -3.77
C PRO B 216 34.55 4.57 -3.35
N ILE B 217 34.28 4.78 -2.06
CA ILE B 217 34.09 6.13 -1.52
C ILE B 217 35.35 6.98 -1.70
N VAL B 218 36.53 6.36 -1.63
CA VAL B 218 37.79 7.08 -1.79
C VAL B 218 38.64 6.36 -2.82
N ALA B 219 39.61 7.10 -3.37
CA ALA B 219 40.49 6.53 -4.37
C ALA B 219 41.43 5.51 -3.73
N GLY B 220 41.88 4.56 -4.55
CA GLY B 220 42.81 3.55 -4.10
C GLY B 220 42.18 2.29 -3.56
N LEU B 221 40.87 2.13 -3.71
CA LEU B 221 40.17 0.94 -3.24
C LEU B 221 39.65 0.14 -4.42
N ALA B 222 39.66 -1.18 -4.27
CA ALA B 222 39.15 -2.06 -5.31
C ALA B 222 37.62 -1.98 -5.39
N GLU B 223 37.08 -2.37 -6.53
CA GLU B 223 35.64 -2.30 -6.77
C GLU B 223 34.87 -3.16 -5.76
N ASP B 224 35.36 -4.39 -5.51
CA ASP B 224 34.70 -5.31 -4.60
C ASP B 224 35.24 -5.24 -3.18
N TYR B 225 35.80 -4.10 -2.77
CA TYR B 225 36.44 -4.03 -1.46
C TYR B 225 35.43 -4.24 -0.34
N PHE B 226 34.13 -4.14 -0.62
CA PHE B 226 33.13 -4.50 0.38
C PHE B 226 33.25 -5.96 0.78
N ALA B 227 33.56 -6.83 -0.19
CA ALA B 227 33.74 -8.25 0.12
C ALA B 227 34.88 -8.46 1.11
N GLY B 228 35.92 -7.62 1.03
CA GLY B 228 36.99 -7.71 2.00
C GLY B 228 36.56 -7.31 3.40
N ILE B 229 35.62 -6.36 3.51
CA ILE B 229 35.12 -5.96 4.81
C ILE B 229 34.28 -7.08 5.43
N VAL B 230 33.37 -7.65 4.63
CA VAL B 230 32.53 -8.73 5.14
C VAL B 230 33.39 -9.93 5.52
N THR B 231 34.39 -10.25 4.70
CA THR B 231 35.29 -11.36 5.01
C THR B 231 35.99 -11.15 6.34
N GLU B 232 36.54 -9.95 6.56
CA GLU B 232 37.20 -9.67 7.83
C GLU B 232 36.21 -9.60 8.98
N PHE B 233 34.97 -9.17 8.71
CA PHE B 233 33.94 -9.18 9.73
C PHE B 233 33.59 -10.61 10.15
N LEU B 234 33.48 -11.52 9.17
CA LEU B 234 33.24 -12.92 9.50
C LEU B 234 34.42 -13.53 10.22
N ALA B 235 35.64 -13.20 9.78
CA ALA B 235 36.85 -13.75 10.40
C ALA B 235 37.02 -13.30 11.84
N SER B 236 36.42 -12.18 12.22
CA SER B 236 36.49 -11.70 13.60
C SER B 236 35.52 -12.42 14.52
N GLY B 237 34.82 -13.43 14.03
CA GLY B 237 33.90 -14.20 14.86
C GLY B 237 32.47 -13.71 14.85
N GLN B 238 32.12 -12.79 13.95
CA GLN B 238 30.79 -12.24 13.86
C GLN B 238 30.11 -12.70 12.58
N GLY B 239 28.78 -12.72 12.62
CA GLY B 239 27.98 -13.15 11.50
C GLY B 239 27.83 -14.66 11.47
N ARG B 240 26.90 -15.13 10.66
CA ARG B 240 26.64 -16.56 10.61
C ARG B 240 26.55 -17.01 9.16
N GLN B 241 27.06 -18.20 8.90
CA GLN B 241 27.08 -18.76 7.56
C GLN B 241 26.34 -20.09 7.52
N GLY B 242 25.67 -20.33 6.40
CA GLY B 242 24.86 -21.52 6.25
C GLY B 242 24.16 -21.49 4.90
N LEU B 243 23.46 -22.58 4.62
CA LEU B 243 22.80 -22.78 3.34
C LEU B 243 21.33 -22.39 3.43
N ILE B 244 20.86 -21.63 2.44
CA ILE B 244 19.44 -21.38 2.24
C ILE B 244 19.05 -22.08 0.94
N GLY B 245 18.34 -23.19 1.06
CA GLY B 245 18.18 -24.04 -0.11
C GLY B 245 19.54 -24.59 -0.49
N ALA B 246 19.94 -24.37 -1.74
CA ALA B 246 21.24 -24.79 -2.22
C ALA B 246 22.26 -23.66 -2.26
N ALA B 247 21.93 -22.51 -1.70
CA ALA B 247 22.76 -21.31 -1.83
C ALA B 247 23.56 -21.07 -0.56
N PRO B 248 24.89 -21.02 -0.64
CA PRO B 248 25.67 -20.55 0.52
C PRO B 248 25.32 -19.12 0.86
N SER B 249 25.00 -18.88 2.13
CA SER B 249 24.44 -17.61 2.54
C SER B 249 25.18 -17.07 3.77
N VAL B 250 25.06 -15.77 3.98
CA VAL B 250 25.68 -15.06 5.10
C VAL B 250 24.63 -14.17 5.74
N LEU B 251 24.57 -14.18 7.07
CA LEU B 251 23.67 -13.33 7.84
C LEU B 251 24.50 -12.52 8.82
N VAL B 252 24.30 -11.20 8.83
CA VAL B 252 25.07 -10.29 9.68
C VAL B 252 24.14 -9.29 10.35
N ASP B 253 24.55 -8.81 11.52
CA ASP B 253 23.80 -7.78 12.24
C ASP B 253 24.05 -6.41 11.60
N ALA B 254 22.98 -5.66 11.35
CA ALA B 254 23.09 -4.42 10.58
C ALA B 254 23.94 -3.38 11.31
N ALA B 255 23.75 -3.25 12.63
CA ALA B 255 24.54 -2.29 13.39
C ALA B 255 26.00 -2.72 13.50
N ALA B 256 26.23 -4.03 13.66
CA ALA B 256 27.59 -4.53 13.84
C ALA B 256 28.42 -4.36 12.57
N ILE B 257 27.86 -4.74 11.41
CA ILE B 257 28.63 -4.64 10.17
C ILE B 257 28.87 -3.17 9.81
N THR B 258 27.92 -2.29 10.13
CA THR B 258 28.11 -0.87 9.84
C THR B 258 29.23 -0.29 10.68
N ALA B 259 29.22 -0.54 11.98
CA ALA B 259 30.29 -0.04 12.83
C ALA B 259 31.63 -0.66 12.44
N PHE B 260 31.62 -1.93 12.04
CA PHE B 260 32.86 -2.56 11.57
C PHE B 260 33.38 -1.86 10.32
N GLY B 261 32.49 -1.58 9.36
CA GLY B 261 32.91 -0.91 8.14
C GLY B 261 33.44 0.50 8.39
N VAL B 262 32.79 1.24 9.29
CA VAL B 262 33.24 2.59 9.62
C VAL B 262 34.63 2.54 10.22
N THR B 263 34.84 1.63 11.18
CA THR B 263 36.16 1.51 11.79
C THR B 263 37.18 1.02 10.77
N TRP B 264 36.77 0.13 9.86
CA TRP B 264 37.64 -0.36 8.81
C TRP B 264 38.12 0.78 7.91
N LEU B 265 37.20 1.68 7.56
CA LEU B 265 37.55 2.81 6.70
C LEU B 265 38.39 3.83 7.46
N GLU B 266 38.04 4.06 8.72
CA GLU B 266 38.75 5.04 9.54
C GLU B 266 40.12 4.55 9.98
N LYS B 267 40.39 3.25 9.88
CA LYS B 267 41.73 2.77 10.20
C LYS B 267 42.71 3.02 9.07
N ARG B 268 42.30 2.78 7.82
CA ARG B 268 43.20 3.02 6.70
C ARG B 268 43.28 4.50 6.33
N PHE B 269 42.15 5.19 6.37
CA PHE B 269 42.05 6.59 6.02
C PHE B 269 41.57 7.34 7.25
N GLY B 270 42.19 8.44 7.61
CA GLY B 270 41.69 9.18 8.75
C GLY B 270 42.66 9.19 9.92
N THR B 271 42.26 9.98 10.92
CA THR B 271 43.08 10.29 12.10
C THR B 271 42.56 9.53 13.32
N SER C 7 -7.64 33.97 10.97
CA SER C 7 -8.24 33.30 12.12
C SER C 7 -8.02 31.78 12.05
N PHE C 8 -7.26 31.34 11.04
CA PHE C 8 -6.89 29.94 10.89
C PHE C 8 -5.61 29.69 11.67
N ALA C 9 -5.65 28.79 12.65
CA ALA C 9 -4.38 28.45 13.28
C ALA C 9 -3.57 27.62 12.30
N THR C 10 -2.28 27.95 12.18
CA THR C 10 -1.43 27.36 11.17
C THR C 10 -0.24 26.69 11.83
N ARG C 11 0.49 25.89 11.05
CA ARG C 11 1.64 25.19 11.63
C ARG C 11 2.77 26.14 11.98
N THR C 12 2.88 27.27 11.29
CA THR C 12 3.87 28.29 11.65
C THR C 12 3.46 29.01 12.92
N SER C 13 2.17 29.31 13.07
CA SER C 13 1.68 30.04 14.24
C SER C 13 1.75 29.19 15.48
N LEU C 14 1.38 27.91 15.37
CA LEU C 14 1.40 27.03 16.53
C LEU C 14 2.84 26.77 16.98
N ALA C 15 3.77 26.63 16.03
CA ALA C 15 5.18 26.48 16.38
C ALA C 15 5.69 27.70 17.11
N ALA C 16 5.22 28.89 16.72
CA ALA C 16 5.59 30.11 17.44
C ALA C 16 5.04 30.10 18.86
N ASP C 17 3.79 29.65 19.03
CA ASP C 17 3.24 29.47 20.38
C ASP C 17 4.06 28.47 21.17
N LEU C 18 4.46 27.36 20.51
CA LEU C 18 5.24 26.33 21.20
C LEU C 18 6.61 26.82 21.60
N ALA C 19 7.26 27.62 20.73
CA ALA C 19 8.56 28.17 21.08
C ALA C 19 8.45 29.14 22.25
N ALA C 20 7.40 29.96 22.27
CA ALA C 20 7.21 30.90 23.38
C ALA C 20 6.96 30.17 24.69
N LEU C 21 6.34 28.99 24.64
CA LEU C 21 6.10 28.23 25.86
C LEU C 21 7.36 27.59 26.39
N GLY C 22 8.34 27.30 25.54
CA GLY C 22 9.58 26.73 26.00
C GLY C 22 10.02 25.47 25.27
N LEU C 23 9.19 24.96 24.36
CA LEU C 23 9.57 23.81 23.56
C LEU C 23 10.80 24.15 22.71
N ALA C 24 11.82 23.29 22.78
CA ALA C 24 13.15 23.60 22.25
C ALA C 24 13.56 22.62 21.16
N TRP C 25 14.48 23.09 20.31
CA TRP C 25 15.08 22.26 19.27
C TRP C 25 15.70 21.00 19.84
N GLY C 26 15.31 19.85 19.29
CA GLY C 26 15.83 18.57 19.72
C GLY C 26 15.10 17.93 20.88
N ASP C 27 14.03 18.54 21.38
CA ASP C 27 13.30 17.98 22.52
C ASP C 27 12.52 16.74 22.12
N ALA C 28 12.38 15.81 23.07
CA ALA C 28 11.41 14.73 22.99
C ALA C 28 10.15 15.15 23.75
N ILE C 29 9.08 15.43 23.03
CA ILE C 29 7.88 16.03 23.62
C ILE C 29 6.71 15.05 23.54
N MET C 30 6.11 14.77 24.71
CA MET C 30 4.88 14.00 24.80
C MET C 30 3.73 14.96 25.00
N VAL C 31 2.66 14.79 24.22
CA VAL C 31 1.58 15.76 24.16
C VAL C 31 0.27 15.10 24.58
N HIS C 32 -0.48 15.80 25.44
CA HIS C 32 -1.86 15.47 25.76
C HIS C 32 -2.69 16.67 25.31
N ALA C 33 -3.55 16.48 24.32
CA ALA C 33 -4.22 17.60 23.68
C ALA C 33 -5.73 17.48 23.78
N ALA C 34 -6.38 18.62 23.94
CA ALA C 34 -7.81 18.80 23.74
C ALA C 34 -7.95 19.66 22.49
N VAL C 35 -7.96 19.01 21.32
CA VAL C 35 -7.81 19.71 20.05
C VAL C 35 -8.93 20.72 19.81
N SER C 36 -10.10 20.48 20.39
CA SER C 36 -11.21 21.42 20.19
C SER C 36 -10.94 22.78 20.81
N ARG C 37 -10.00 22.87 21.76
CA ARG C 37 -9.70 24.14 22.41
C ARG C 37 -8.62 24.94 21.71
N VAL C 38 -7.97 24.37 20.68
CA VAL C 38 -6.87 25.08 20.04
C VAL C 38 -7.39 26.18 19.13
N GLY C 39 -8.61 26.05 18.64
CA GLY C 39 -9.18 27.00 17.71
C GLY C 39 -9.28 26.41 16.32
N ARG C 40 -9.61 27.28 15.37
CA ARG C 40 -9.74 26.87 13.98
C ARG C 40 -8.37 26.53 13.40
N LEU C 41 -8.20 25.30 12.93
CA LEU C 41 -6.93 24.81 12.42
C LEU C 41 -6.99 24.63 10.91
N LEU C 42 -5.95 25.08 10.22
CA LEU C 42 -5.94 25.04 8.75
C LEU C 42 -5.84 23.61 8.23
N ASP C 43 -5.08 22.76 8.92
CA ASP C 43 -4.94 21.35 8.55
C ASP C 43 -5.51 20.42 9.61
N GLY C 44 -6.49 20.90 10.38
CA GLY C 44 -7.09 20.10 11.43
C GLY C 44 -6.07 19.70 12.47
N PRO C 45 -6.27 18.54 13.09
CA PRO C 45 -5.33 18.09 14.14
C PRO C 45 -3.91 17.89 13.63
N ASP C 46 -3.72 17.65 12.33
CA ASP C 46 -2.38 17.50 11.78
C ASP C 46 -1.57 18.79 11.87
N THR C 47 -2.23 19.94 11.97
CA THR C 47 -1.53 21.20 12.20
C THR C 47 -0.71 21.13 13.47
N ILE C 48 -1.27 20.55 14.54
CA ILE C 48 -0.57 20.48 15.80
C ILE C 48 0.65 19.56 15.69
N ILE C 49 0.50 18.41 15.04
CA ILE C 49 1.61 17.47 14.87
C ILE C 49 2.73 18.12 14.05
N ALA C 50 2.36 18.78 12.95
CA ALA C 50 3.36 19.42 12.12
C ALA C 50 4.08 20.55 12.87
N ALA C 51 3.33 21.30 13.67
CA ALA C 51 3.94 22.36 14.47
C ALA C 51 4.93 21.79 15.48
N LEU C 52 4.57 20.69 16.13
CA LEU C 52 5.46 20.09 17.10
C LEU C 52 6.75 19.60 16.43
N ARG C 53 6.65 19.01 15.24
CA ARG C 53 7.84 18.54 14.54
C ARG C 53 8.69 19.72 14.10
N ASP C 54 8.05 20.82 13.68
CA ASP C 54 8.80 21.99 13.25
C ASP C 54 9.57 22.62 14.42
N THR C 55 9.02 22.55 15.63
CA THR C 55 9.67 23.17 16.78
C THR C 55 10.83 22.33 17.29
N VAL C 56 10.68 21.01 17.34
CA VAL C 56 11.74 20.15 17.87
C VAL C 56 12.78 19.80 16.81
N GLY C 57 12.43 19.85 15.54
CA GLY C 57 13.37 19.59 14.47
C GLY C 57 13.57 18.12 14.23
N PRO C 58 14.44 17.78 13.26
CA PRO C 58 14.66 16.37 12.93
C PRO C 58 15.33 15.58 14.04
N GLY C 59 16.03 16.23 14.96
CA GLY C 59 16.58 15.53 16.11
C GLY C 59 15.62 15.30 17.25
N GLY C 60 14.45 15.94 17.23
CA GLY C 60 13.47 15.76 18.27
C GLY C 60 12.48 14.64 17.97
N THR C 61 11.64 14.35 18.95
CA THR C 61 10.65 13.29 18.84
C THR C 61 9.33 13.76 19.42
N VAL C 62 8.23 13.40 18.76
CA VAL C 62 6.88 13.74 19.20
C VAL C 62 6.19 12.45 19.62
N LEU C 63 5.62 12.46 20.83
CA LEU C 63 5.03 11.27 21.41
C LEU C 63 3.63 11.57 21.92
N ALA C 64 2.79 10.54 21.98
CA ALA C 64 1.47 10.63 22.56
C ALA C 64 1.09 9.27 23.13
N TYR C 65 0.20 9.28 24.12
CA TYR C 65 -0.29 8.05 24.73
C TYR C 65 -1.41 7.48 23.86
N ALA C 66 -1.18 6.29 23.32
CA ALA C 66 -2.11 5.67 22.38
C ALA C 66 -3.16 4.83 23.08
N ASP C 67 -2.75 4.00 24.03
CA ASP C 67 -3.62 3.02 24.69
C ASP C 67 -4.15 2.08 23.58
N TRP C 68 -5.33 1.49 23.78
CA TRP C 68 -5.88 0.56 22.81
C TRP C 68 -7.39 0.52 22.94
N GLU C 69 -8.07 0.66 21.80
CA GLU C 69 -9.54 0.57 21.72
C GLU C 69 -9.94 -0.90 21.71
N ALA C 70 -10.34 -1.42 22.89
CA ALA C 70 -10.64 -2.85 23.07
C ALA C 70 -11.82 -3.00 24.03
N ARG C 71 -13.03 -3.04 23.47
CA ARG C 71 -14.27 -3.08 24.22
C ARG C 71 -14.56 -4.42 24.87
N TYR C 72 -13.75 -5.46 24.65
CA TYR C 72 -14.02 -6.77 25.22
C TYR C 72 -13.88 -6.85 26.73
N GLU C 73 -13.35 -5.79 27.37
CA GLU C 73 -13.21 -5.78 28.82
C GLU C 73 -14.55 -5.87 29.55
N ASP C 74 -15.63 -5.46 28.90
CA ASP C 74 -16.97 -5.56 29.49
C ASP C 74 -17.43 -7.00 29.65
N LEU C 75 -16.85 -7.94 28.89
CA LEU C 75 -17.27 -9.34 28.92
C LEU C 75 -16.48 -10.20 29.89
N VAL C 76 -15.42 -9.68 30.52
CA VAL C 76 -14.55 -10.55 31.30
C VAL C 76 -15.24 -10.97 32.57
N ASP C 77 -14.84 -12.13 33.09
CA ASP C 77 -15.43 -12.61 34.35
C ASP C 77 -14.76 -11.91 35.53
N ASP C 78 -14.81 -12.55 36.69
CA ASP C 78 -14.33 -11.92 37.90
C ASP C 78 -12.82 -12.01 38.06
N ALA C 79 -12.17 -12.94 37.37
CA ALA C 79 -10.72 -13.05 37.33
C ALA C 79 -10.08 -12.28 36.18
N GLY C 80 -10.88 -11.56 35.39
CA GLY C 80 -10.36 -10.88 34.22
C GLY C 80 -10.13 -11.80 33.04
N ARG C 81 -10.81 -12.95 33.02
CA ARG C 81 -10.72 -13.94 31.96
C ARG C 81 -11.86 -13.74 30.96
N VAL C 82 -11.59 -13.99 29.69
CA VAL C 82 -12.61 -13.84 28.66
C VAL C 82 -13.42 -15.12 28.52
N PRO C 83 -14.75 -15.05 28.52
CA PRO C 83 -15.58 -16.27 28.41
C PRO C 83 -15.27 -17.04 27.14
N PRO C 84 -15.20 -18.38 27.23
CA PRO C 84 -14.74 -19.20 26.09
C PRO C 84 -15.52 -19.03 24.80
N GLU C 85 -16.83 -18.80 24.87
CA GLU C 85 -17.65 -18.58 23.69
C GLU C 85 -17.32 -17.27 22.98
N TRP C 86 -16.61 -16.35 23.64
CA TRP C 86 -16.24 -15.06 23.05
C TRP C 86 -14.78 -15.00 22.61
N ARG C 87 -13.96 -15.99 22.97
CA ARG C 87 -12.52 -15.88 22.79
C ARG C 87 -12.13 -15.66 21.33
N GLU C 88 -12.65 -16.47 20.42
CA GLU C 88 -12.24 -16.37 19.03
C GLU C 88 -12.87 -15.18 18.30
N HIS C 89 -13.77 -14.43 18.96
CA HIS C 89 -14.38 -13.28 18.31
C HIS C 89 -13.74 -11.96 18.71
N VAL C 90 -13.00 -11.94 19.81
CA VAL C 90 -12.33 -10.72 20.28
C VAL C 90 -11.20 -10.40 19.31
N PRO C 91 -11.20 -9.22 18.69
CA PRO C 91 -10.10 -8.85 17.79
C PRO C 91 -8.80 -8.72 18.57
N PRO C 92 -7.74 -9.39 18.12
CA PRO C 92 -6.46 -9.33 18.83
C PRO C 92 -5.71 -8.04 18.56
N PHE C 93 -4.74 -7.77 19.43
CA PHE C 93 -3.97 -6.54 19.34
C PHE C 93 -2.92 -6.64 18.24
N ASP C 94 -2.91 -5.65 17.35
CA ASP C 94 -1.90 -5.51 16.31
C ASP C 94 -1.32 -4.11 16.44
N PRO C 95 -0.03 -3.97 16.77
CA PRO C 95 0.52 -2.62 16.98
C PRO C 95 0.38 -1.70 15.76
N GLN C 96 0.27 -2.24 14.56
CA GLN C 96 0.14 -1.41 13.36
C GLN C 96 -1.29 -1.22 12.92
N ARG C 97 -2.23 -2.05 13.37
CA ARG C 97 -3.62 -1.96 12.95
C ARG C 97 -4.58 -1.61 14.06
N SER C 98 -4.26 -1.91 15.32
CA SER C 98 -5.17 -1.58 16.40
C SER C 98 -5.25 -0.06 16.56
N ARG C 99 -6.48 0.46 16.67
CA ARG C 99 -6.67 1.88 16.82
C ARG C 99 -6.18 2.34 18.19
N ALA C 100 -5.89 3.64 18.28
CA ALA C 100 -5.70 4.26 19.58
C ALA C 100 -7.06 4.39 20.27
N ILE C 101 -7.04 4.39 21.60
CA ILE C 101 -8.29 4.44 22.33
C ILE C 101 -8.98 5.77 22.06
N ARG C 102 -10.31 5.73 21.94
CA ARG C 102 -11.07 6.93 21.61
C ARG C 102 -11.05 7.93 22.76
N ASP C 103 -10.94 7.45 24.01
CA ASP C 103 -10.95 8.35 25.15
C ASP C 103 -9.80 9.34 25.12
N ASN C 104 -8.67 8.97 24.53
CA ASN C 104 -7.48 9.83 24.52
C ASN C 104 -7.58 10.97 23.51
N GLY C 105 -8.61 11.01 22.69
CA GLY C 105 -8.79 12.10 21.75
C GLY C 105 -8.32 11.76 20.35
N VAL C 106 -8.59 12.70 19.44
CA VAL C 106 -8.28 12.51 18.03
C VAL C 106 -6.77 12.50 17.78
N LEU C 107 -6.00 13.25 18.55
CA LEU C 107 -4.58 13.44 18.24
C LEU C 107 -3.77 12.14 18.29
N PRO C 108 -3.85 11.31 19.34
CA PRO C 108 -3.05 10.07 19.34
C PRO C 108 -3.33 9.17 18.15
N GLU C 109 -4.57 9.12 17.67
CA GLU C 109 -4.86 8.30 16.50
C GLU C 109 -4.33 8.96 15.23
N PHE C 110 -4.41 10.28 15.15
CA PHE C 110 -3.85 10.98 13.99
C PHE C 110 -2.34 10.86 13.95
N LEU C 111 -1.68 10.93 15.11
CA LEU C 111 -0.24 10.72 15.14
C LEU C 111 0.11 9.27 14.80
N ARG C 112 -0.67 8.32 15.32
CA ARG C 112 -0.36 6.90 15.09
C ARG C 112 -0.40 6.55 13.60
N THR C 113 -1.34 7.15 12.86
CA THR C 113 -1.50 6.87 11.45
C THR C 113 -0.70 7.81 10.56
N THR C 114 0.17 8.63 11.13
CA THR C 114 1.09 9.44 10.34
C THR C 114 2.27 8.57 9.90
N PRO C 115 2.56 8.46 8.60
CA PRO C 115 3.69 7.64 8.17
C PRO C 115 4.99 8.10 8.81
N GLY C 116 5.70 7.15 9.42
CA GLY C 116 6.90 7.41 10.19
C GLY C 116 6.72 7.24 11.68
N THR C 117 5.47 7.13 12.15
CA THR C 117 5.19 6.90 13.56
C THR C 117 5.27 5.42 13.89
N LEU C 118 5.83 5.11 15.04
CA LEU C 118 5.86 3.75 15.57
C LEU C 118 5.00 3.66 16.82
N ARG C 119 4.52 2.46 17.11
CA ARG C 119 3.62 2.21 18.23
C ARG C 119 4.15 1.03 19.02
N SER C 120 4.25 1.19 20.33
CA SER C 120 4.87 0.17 21.17
C SER C 120 3.92 -1.02 21.36
N GLY C 121 4.48 -2.12 21.88
CA GLY C 121 3.82 -3.41 21.89
C GLY C 121 2.91 -3.73 23.06
N ASN C 122 3.01 -2.96 24.14
CA ASN C 122 2.11 -3.14 25.28
C ASN C 122 0.79 -2.44 24.96
N PRO C 123 -0.28 -3.21 24.69
CA PRO C 123 -1.51 -2.61 24.16
C PRO C 123 -2.07 -1.48 25.02
N GLY C 124 -2.38 -1.77 26.29
CA GLY C 124 -3.02 -0.78 27.13
C GLY C 124 -2.14 0.41 27.43
N ALA C 125 -0.82 0.21 27.47
CA ALA C 125 0.11 1.28 27.82
C ALA C 125 0.86 1.82 26.60
N SER C 126 0.45 1.46 25.38
CA SER C 126 1.26 1.77 24.21
C SER C 126 1.37 3.27 23.99
N LEU C 127 2.56 3.69 23.57
CA LEU C 127 2.82 5.05 23.14
C LEU C 127 3.12 5.04 21.64
N VAL C 128 2.88 6.18 21.01
CA VAL C 128 3.28 6.42 19.62
C VAL C 128 4.42 7.42 19.64
N ALA C 129 5.36 7.25 18.72
CA ALA C 129 6.51 8.14 18.62
C ALA C 129 6.82 8.41 17.16
N LEU C 130 7.15 9.66 16.86
CA LEU C 130 7.46 10.12 15.52
C LEU C 130 8.66 11.05 15.59
N GLY C 131 9.77 10.64 14.97
CA GLY C 131 10.96 11.44 15.00
C GLY C 131 12.22 10.62 15.19
N ALA C 132 13.27 11.25 15.74
CA ALA C 132 14.60 10.64 15.77
C ALA C 132 14.61 9.35 16.58
N LYS C 133 14.08 9.40 17.81
CA LYS C 133 14.18 8.28 18.74
C LYS C 133 12.89 7.46 18.79
N ALA C 134 12.12 7.46 17.70
CA ALA C 134 10.85 6.74 17.68
C ALA C 134 11.04 5.25 17.88
N GLU C 135 12.07 4.67 17.25
CA GLU C 135 12.31 3.24 17.43
C GLU C 135 12.77 2.92 18.85
N TRP C 136 13.66 3.74 19.40
CA TRP C 136 14.16 3.48 20.75
C TRP C 136 13.04 3.65 21.77
N PHE C 137 12.18 4.66 21.59
CA PHE C 137 11.10 4.90 22.54
C PHE C 137 10.09 3.75 22.54
N THR C 138 9.83 3.13 21.39
CA THR C 138 8.76 2.16 21.26
C THR C 138 9.26 0.71 21.25
N ALA C 139 10.55 0.47 21.38
CA ALA C 139 11.10 -0.88 21.28
C ALA C 139 11.01 -1.61 22.62
N ASP C 140 10.64 -2.89 22.56
CA ASP C 140 10.72 -3.79 23.71
C ASP C 140 9.97 -3.24 24.91
N HIS C 141 8.73 -2.84 24.67
CA HIS C 141 7.85 -2.37 25.74
C HIS C 141 7.45 -3.57 26.60
N PRO C 142 7.87 -3.65 27.86
CA PRO C 142 7.50 -4.82 28.66
C PRO C 142 5.99 -4.93 28.80
N LEU C 143 5.48 -6.16 28.63
CA LEU C 143 4.05 -6.39 28.64
C LEU C 143 3.48 -6.36 30.06
N ASP C 144 4.28 -6.72 31.06
CA ASP C 144 3.87 -6.64 32.44
C ASP C 144 4.49 -5.40 33.08
N TYR C 145 3.67 -4.67 33.84
CA TYR C 145 4.04 -3.40 34.43
C TYR C 145 4.61 -2.46 33.37
N GLY C 146 3.79 -2.22 32.35
CA GLY C 146 4.17 -1.45 31.20
C GLY C 146 4.25 0.05 31.45
N TYR C 147 4.08 0.45 32.71
CA TYR C 147 4.30 1.83 33.11
C TYR C 147 5.54 1.98 33.99
N GLY C 148 6.36 0.94 34.08
CA GLY C 148 7.52 0.96 34.95
C GLY C 148 8.85 0.94 34.24
N GLU C 149 9.75 0.05 34.68
CA GLU C 149 11.12 0.04 34.17
C GLU C 149 11.15 -0.44 32.72
N GLY C 150 12.00 0.20 31.92
CA GLY C 150 12.13 -0.15 30.51
C GLY C 150 10.97 0.27 29.64
N SER C 151 9.98 0.98 30.17
CA SER C 151 8.82 1.39 29.40
C SER C 151 9.13 2.68 28.63
N PRO C 152 8.31 3.04 27.65
CA PRO C 152 8.50 4.33 26.97
C PRO C 152 8.44 5.52 27.92
N LEU C 153 7.62 5.46 28.97
CA LEU C 153 7.58 6.55 29.93
C LEU C 153 8.89 6.68 30.69
N ALA C 154 9.48 5.55 31.08
CA ALA C 154 10.80 5.60 31.72
C ALA C 154 11.86 6.12 30.74
N LYS C 155 11.72 5.79 29.46
CA LYS C 155 12.66 6.31 28.47
C LYS C 155 12.48 7.81 28.25
N LEU C 156 11.24 8.31 28.34
CA LEU C 156 11.02 9.74 28.26
C LEU C 156 11.73 10.47 29.39
N VAL C 157 11.72 9.90 30.59
CA VAL C 157 12.50 10.44 31.69
C VAL C 157 13.99 10.31 31.40
N GLU C 158 14.40 9.15 30.87
CA GLU C 158 15.81 8.93 30.56
C GLU C 158 16.34 9.96 29.57
N ALA C 159 15.54 10.29 28.57
CA ALA C 159 15.98 11.20 27.52
C ALA C 159 15.81 12.68 27.88
N GLY C 160 15.43 12.98 29.13
CA GLY C 160 15.17 14.37 29.49
C GLY C 160 14.03 14.99 28.70
N GLY C 161 13.01 14.18 28.37
CA GLY C 161 11.92 14.66 27.57
C GLY C 161 11.00 15.57 28.36
N LYS C 162 9.97 16.05 27.68
CA LYS C 162 9.00 16.97 28.26
C LYS C 162 7.59 16.48 27.96
N VAL C 163 6.64 16.95 28.76
CA VAL C 163 5.24 16.62 28.59
C VAL C 163 4.47 17.92 28.38
N LEU C 164 3.66 17.97 27.34
CA LEU C 164 2.88 19.14 26.97
C LEU C 164 1.40 18.85 27.19
N MET C 165 0.76 19.62 28.07
CA MET C 165 -0.69 19.57 28.24
C MET C 165 -1.28 20.65 27.36
N LEU C 166 -1.72 20.27 26.17
CA LEU C 166 -2.23 21.23 25.18
C LEU C 166 -3.74 21.35 25.37
N GLY C 167 -4.14 22.18 26.33
CA GLY C 167 -5.54 22.35 26.64
C GLY C 167 -6.18 21.19 27.33
N ALA C 168 -5.44 20.11 27.58
CA ALA C 168 -6.03 18.95 28.21
C ALA C 168 -6.08 19.14 29.73
N PRO C 169 -7.08 18.55 30.39
CA PRO C 169 -7.09 18.57 31.86
C PRO C 169 -5.84 17.93 32.42
N LEU C 170 -5.31 18.53 33.49
CA LEU C 170 -4.04 18.10 34.03
C LEU C 170 -4.08 16.66 34.55
N ASP C 171 -5.26 16.11 34.81
CA ASP C 171 -5.38 14.76 35.34
C ASP C 171 -5.12 13.68 34.29
N THR C 172 -4.94 14.06 33.01
CA THR C 172 -4.67 13.08 31.97
C THR C 172 -3.19 12.88 31.71
N LEU C 173 -2.33 13.44 32.56
CA LEU C 173 -0.88 13.31 32.38
C LEU C 173 -0.48 11.87 32.67
N THR C 174 -0.31 11.08 31.60
CA THR C 174 -0.04 9.65 31.76
C THR C 174 1.27 9.38 32.50
N LEU C 175 2.25 10.28 32.37
CA LEU C 175 3.56 10.05 32.99
C LEU C 175 3.46 9.86 34.50
N LEU C 176 2.44 10.44 35.14
CA LEU C 176 2.30 10.28 36.59
C LEU C 176 1.94 8.84 36.97
N HIS C 177 1.48 8.02 36.02
CA HIS C 177 1.36 6.60 36.28
C HIS C 177 2.73 5.96 36.46
N HIS C 178 3.75 6.50 35.81
CA HIS C 178 5.12 6.02 36.01
C HIS C 178 5.62 6.40 37.39
N ALA C 179 5.20 7.54 37.92
CA ALA C 179 5.53 7.89 39.29
C ALA C 179 4.78 6.98 40.26
N GLU C 180 3.52 6.67 39.95
CA GLU C 180 2.78 5.73 40.78
C GLU C 180 3.49 4.38 40.84
N HIS C 181 4.01 3.91 39.70
CA HIS C 181 4.72 2.64 39.68
C HIS C 181 5.98 2.71 40.55
N LEU C 182 6.72 3.81 40.46
CA LEU C 182 7.99 3.92 41.17
C LEU C 182 7.82 4.17 42.66
N ALA C 183 6.68 4.72 43.07
CA ALA C 183 6.51 5.17 44.45
C ALA C 183 6.57 3.99 45.42
N ASP C 184 7.38 4.14 46.47
CA ASP C 184 7.51 3.10 47.49
C ASP C 184 6.43 3.33 48.54
N ILE C 185 5.22 2.88 48.22
CA ILE C 185 4.07 3.01 49.11
C ILE C 185 3.34 1.67 49.15
N PRO C 186 2.64 1.35 50.24
CA PRO C 186 1.91 0.09 50.32
C PRO C 186 0.48 0.21 49.81
N GLY C 187 -0.15 -0.94 49.64
CA GLY C 187 -1.53 -0.99 49.21
C GLY C 187 -1.74 -0.69 47.75
N LYS C 188 -0.72 -0.85 46.92
CA LYS C 188 -0.84 -0.54 45.51
C LYS C 188 -1.78 -1.53 44.84
N ARG C 189 -2.80 -1.01 44.16
CA ARG C 189 -3.75 -1.89 43.50
C ARG C 189 -3.17 -2.40 42.19
N ILE C 190 -3.50 -3.65 41.86
CA ILE C 190 -2.94 -4.34 40.70
C ILE C 190 -4.10 -4.75 39.79
N LYS C 191 -3.94 -4.51 38.50
CA LYS C 191 -4.94 -4.89 37.51
C LYS C 191 -4.39 -6.04 36.67
N ARG C 192 -5.19 -7.09 36.54
CA ARG C 192 -4.82 -8.24 35.75
C ARG C 192 -5.98 -8.59 34.82
N ILE C 193 -5.68 -8.67 33.53
CA ILE C 193 -6.69 -8.87 32.51
C ILE C 193 -6.07 -9.63 31.36
N GLU C 194 -6.90 -10.35 30.62
CA GLU C 194 -6.45 -11.07 29.45
C GLU C 194 -6.46 -10.16 28.22
N VAL C 195 -5.35 -10.18 27.51
CA VAL C 195 -5.17 -9.35 26.32
C VAL C 195 -4.93 -10.29 25.13
N PRO C 196 -5.68 -10.14 24.04
CA PRO C 196 -5.42 -10.95 22.85
C PRO C 196 -4.34 -10.32 21.98
N PHE C 197 -3.43 -11.18 21.50
CA PHE C 197 -2.32 -10.76 20.65
C PHE C 197 -2.46 -11.45 19.29
N ALA C 198 -2.31 -10.67 18.22
CA ALA C 198 -2.42 -11.19 16.87
C ALA C 198 -1.20 -12.01 16.47
N THR C 199 -1.45 -13.22 15.97
CA THR C 199 -0.43 -14.13 15.45
C THR C 199 -0.93 -14.71 14.14
N PRO C 200 -0.02 -15.13 13.25
CA PRO C 200 -0.45 -15.76 11.99
C PRO C 200 -1.31 -17.00 12.20
N THR C 201 -1.16 -17.69 13.32
CA THR C 201 -1.89 -18.93 13.60
C THR C 201 -3.19 -18.70 14.36
N GLY C 202 -3.54 -17.45 14.66
CA GLY C 202 -4.76 -17.16 15.37
C GLY C 202 -4.48 -16.18 16.50
N THR C 203 -5.39 -16.17 17.47
CA THR C 203 -5.27 -15.28 18.62
C THR C 203 -4.50 -15.96 19.73
N GLN C 204 -3.53 -15.26 20.29
CA GLN C 204 -2.74 -15.75 21.41
C GLN C 204 -3.09 -14.92 22.64
N TRP C 205 -3.65 -15.57 23.65
CA TRP C 205 -4.06 -14.88 24.86
C TRP C 205 -2.93 -14.87 25.88
N ARG C 206 -2.78 -13.75 26.58
CA ARG C 206 -1.75 -13.56 27.57
C ARG C 206 -2.35 -12.79 28.73
N MET C 207 -1.97 -13.14 29.95
CA MET C 207 -2.41 -12.38 31.10
C MET C 207 -1.43 -11.25 31.32
N ILE C 208 -1.96 -10.05 31.54
CA ILE C 208 -1.16 -8.85 31.71
C ILE C 208 -1.32 -8.41 33.16
N GLU C 209 -0.19 -8.18 33.84
CA GLU C 209 -0.19 -7.68 35.21
C GLU C 209 0.46 -6.31 35.25
N GLU C 210 -0.20 -5.38 35.91
CA GLU C 210 0.31 -4.03 36.08
C GLU C 210 -0.41 -3.41 37.27
N PHE C 211 0.18 -2.36 37.82
CA PHE C 211 -0.56 -1.54 38.78
C PHE C 211 -1.74 -0.90 38.09
N ASP C 212 -2.90 -0.94 38.73
CA ASP C 212 -4.12 -0.47 38.11
C ASP C 212 -4.04 1.02 37.86
N THR C 213 -4.14 1.42 36.60
CA THR C 213 -4.12 2.83 36.21
C THR C 213 -5.50 3.37 35.89
N GLY C 214 -6.55 2.55 35.99
CA GLY C 214 -7.91 3.02 35.84
C GLY C 214 -8.46 3.74 37.06
N ASP C 215 -7.73 3.69 38.17
CA ASP C 215 -8.10 4.36 39.39
C ASP C 215 -6.81 4.81 40.07
N PRO C 216 -6.90 5.64 41.11
CA PRO C 216 -5.70 5.95 41.90
C PRO C 216 -5.05 4.67 42.39
N ILE C 217 -3.71 4.69 42.47
CA ILE C 217 -2.95 3.48 42.76
C ILE C 217 -3.29 2.94 44.16
N VAL C 218 -3.62 3.82 45.09
CA VAL C 218 -3.95 3.41 46.45
C VAL C 218 -5.30 4.00 46.85
N ALA C 219 -5.90 3.40 47.87
CA ALA C 219 -7.20 3.85 48.35
C ALA C 219 -7.06 5.20 49.05
N GLY C 220 -8.16 5.95 49.05
CA GLY C 220 -8.22 7.23 49.72
C GLY C 220 -7.81 8.44 48.89
N LEU C 221 -7.65 8.27 47.58
CA LEU C 221 -7.26 9.36 46.70
C LEU C 221 -8.39 9.71 45.74
N ALA C 222 -8.50 11.00 45.42
CA ALA C 222 -9.50 11.45 44.46
C ALA C 222 -9.12 11.02 43.04
N GLU C 223 -10.13 10.98 42.18
CA GLU C 223 -9.92 10.55 40.81
C GLU C 223 -8.97 11.49 40.08
N ASP C 224 -9.12 12.80 40.26
CA ASP C 224 -8.28 13.78 39.59
C ASP C 224 -7.08 14.20 40.42
N TYR C 225 -6.60 13.34 41.32
CA TYR C 225 -5.51 13.76 42.20
C TYR C 225 -4.23 14.04 41.42
N PHE C 226 -4.13 13.58 40.17
CA PHE C 226 -3.00 13.98 39.34
C PHE C 226 -2.99 15.48 39.13
N ALA C 227 -4.16 16.07 38.94
CA ALA C 227 -4.26 17.52 38.77
C ALA C 227 -3.73 18.25 39.98
N GLY C 228 -3.92 17.69 41.18
CA GLY C 228 -3.35 18.30 42.37
C GLY C 228 -1.83 18.25 42.41
N ILE C 229 -1.24 17.21 41.82
CA ILE C 229 0.22 17.13 41.80
C ILE C 229 0.80 18.17 40.85
N VAL C 230 0.24 18.28 39.65
CA VAL C 230 0.72 19.28 38.69
C VAL C 230 0.50 20.68 39.24
N THR C 231 -0.64 20.90 39.89
CA THR C 231 -0.92 22.19 40.50
C THR C 231 0.15 22.54 41.53
N GLU C 232 0.47 21.59 42.41
CA GLU C 232 1.54 21.82 43.38
C GLU C 232 2.90 21.88 42.70
N PHE C 233 3.08 21.12 41.62
CA PHE C 233 4.33 21.17 40.88
C PHE C 233 4.54 22.54 40.23
N LEU C 234 3.48 23.10 39.65
CA LEU C 234 3.57 24.44 39.09
C LEU C 234 3.75 25.47 40.20
N ALA C 235 3.07 25.27 41.33
CA ALA C 235 3.16 26.21 42.44
C ALA C 235 4.55 26.28 43.04
N SER C 236 5.35 25.23 42.88
CA SER C 236 6.71 25.24 43.40
C SER C 236 7.68 26.02 42.52
N GLY C 237 7.20 26.65 41.46
CA GLY C 237 8.06 27.42 40.58
C GLY C 237 8.60 26.65 39.39
N GLN C 238 8.09 25.46 39.13
CA GLN C 238 8.55 24.64 38.03
C GLN C 238 7.48 24.56 36.94
N GLY C 239 7.91 24.31 35.71
CA GLY C 239 7.02 24.23 34.58
C GLY C 239 6.73 25.59 33.95
N ARG C 240 6.08 25.54 32.79
CA ARG C 240 5.76 26.71 32.00
C ARG C 240 4.30 26.68 31.59
N GLN C 241 3.66 27.84 31.62
CA GLN C 241 2.26 28.00 31.26
C GLN C 241 2.13 29.04 30.17
N GLY C 242 1.21 28.81 29.24
CA GLY C 242 1.03 29.70 28.12
C GLY C 242 -0.03 29.15 27.18
N LEU C 243 -0.32 29.93 26.14
CA LEU C 243 -1.33 29.57 25.16
C LEU C 243 -0.68 28.91 23.97
N ILE C 244 -1.27 27.80 23.52
CA ILE C 244 -0.94 27.18 22.24
C ILE C 244 -2.19 27.31 21.37
N GLY C 245 -2.13 28.20 20.40
CA GLY C 245 -3.35 28.58 19.72
C GLY C 245 -4.27 29.28 20.70
N ALA C 246 -5.49 28.78 20.85
CA ALA C 246 -6.42 29.34 21.82
C ALA C 246 -6.51 28.51 23.10
N ALA C 247 -5.66 27.51 23.28
CA ALA C 247 -5.78 26.57 24.39
C ALA C 247 -4.77 26.90 25.47
N PRO C 248 -5.22 27.15 26.71
CA PRO C 248 -4.26 27.26 27.82
C PRO C 248 -3.50 25.96 28.00
N SER C 249 -2.18 26.05 28.05
CA SER C 249 -1.34 24.87 28.00
C SER C 249 -0.30 24.90 29.12
N VAL C 250 0.24 23.72 29.42
CA VAL C 250 1.25 23.54 30.44
C VAL C 250 2.37 22.68 29.87
N LEU C 251 3.61 23.09 30.11
CA LEU C 251 4.79 22.34 29.68
C LEU C 251 5.65 22.05 30.90
N VAL C 252 6.00 20.77 31.09
CA VAL C 252 6.76 20.34 32.25
C VAL C 252 7.88 19.40 31.81
N ASP C 253 8.95 19.38 32.60
CA ASP C 253 10.05 18.45 32.37
C ASP C 253 9.67 17.08 32.91
N ALA C 254 9.89 16.04 32.09
CA ALA C 254 9.41 14.70 32.44
C ALA C 254 10.09 14.16 33.70
N ALA C 255 11.39 14.38 33.84
CA ALA C 255 12.09 13.89 35.02
C ALA C 255 11.66 14.64 36.27
N ALA C 256 11.44 15.96 36.15
CA ALA C 256 11.11 16.77 37.31
C ALA C 256 9.72 16.42 37.84
N ILE C 257 8.73 16.29 36.95
CA ILE C 257 7.39 15.96 37.39
C ILE C 257 7.33 14.55 37.96
N THR C 258 8.13 13.62 37.40
CA THR C 258 8.14 12.26 37.90
C THR C 258 8.70 12.19 39.32
N ALA C 259 9.83 12.85 39.55
CA ALA C 259 10.40 12.87 40.90
C ALA C 259 9.48 13.60 41.87
N PHE C 260 8.82 14.66 41.41
CA PHE C 260 7.85 15.36 42.25
C PHE C 260 6.69 14.45 42.61
N GLY C 261 6.17 13.71 41.64
CA GLY C 261 5.06 12.80 41.90
C GLY C 261 5.44 11.66 42.84
N VAL C 262 6.64 11.10 42.66
CA VAL C 262 7.09 10.01 43.54
C VAL C 262 7.19 10.50 44.98
N THR C 263 7.82 11.67 45.17
CA THR C 263 7.94 12.24 46.51
C THR C 263 6.58 12.62 47.08
N TRP C 264 5.66 13.07 46.22
CA TRP C 264 4.32 13.43 46.66
C TRP C 264 3.59 12.23 47.24
N LEU C 265 3.71 11.07 46.60
CA LEU C 265 3.04 9.87 47.10
C LEU C 265 3.72 9.35 48.34
N GLU C 266 5.05 9.40 48.38
CA GLU C 266 5.81 8.85 49.50
C GLU C 266 5.68 9.71 50.74
N LYS C 267 5.23 10.96 50.61
CA LYS C 267 4.96 11.81 51.75
C LYS C 267 3.62 11.49 52.40
N ARG C 268 2.57 11.32 51.59
CA ARG C 268 1.25 11.05 52.12
C ARG C 268 1.11 9.61 52.58
N PHE C 269 1.64 8.68 51.81
CA PHE C 269 1.59 7.26 52.12
C PHE C 269 3.01 6.73 52.22
N GLY C 270 3.15 5.59 52.87
CA GLY C 270 4.45 4.97 53.02
C GLY C 270 5.27 5.46 54.19
N THR C 271 6.10 4.57 54.74
CA THR C 271 6.88 4.75 55.94
C THR C 271 8.36 4.82 55.61
N PRO C 272 9.13 5.73 56.20
CA PRO C 272 10.59 5.66 56.02
C PRO C 272 11.21 4.46 56.73
N SER D 7 19.94 6.44 -30.93
CA SER D 7 19.69 5.01 -31.06
C SER D 7 18.82 4.47 -29.92
N PHE D 8 18.32 5.37 -29.07
CA PHE D 8 17.38 4.99 -28.02
C PHE D 8 15.97 4.95 -28.59
N ALA D 9 15.32 3.80 -28.48
CA ALA D 9 13.90 3.74 -28.78
C ALA D 9 13.12 4.29 -27.58
N THR D 10 12.15 5.14 -27.87
CA THR D 10 11.38 5.81 -26.84
C THR D 10 9.90 5.53 -27.06
N ARG D 11 9.08 5.92 -26.08
CA ARG D 11 7.65 5.71 -26.20
C ARG D 11 7.06 6.54 -27.32
N THR D 12 7.68 7.66 -27.67
CA THR D 12 7.21 8.44 -28.80
C THR D 12 7.54 7.76 -30.13
N SER D 13 8.74 7.21 -30.25
CA SER D 13 9.15 6.58 -31.50
C SER D 13 8.39 5.28 -31.75
N LEU D 14 8.16 4.49 -30.70
CA LEU D 14 7.44 3.24 -30.86
C LEU D 14 5.97 3.47 -31.19
N ALA D 15 5.36 4.50 -30.59
CA ALA D 15 3.98 4.82 -30.89
C ALA D 15 3.80 5.19 -32.37
N ALA D 16 4.77 5.90 -32.93
CA ALA D 16 4.71 6.20 -34.36
C ALA D 16 4.84 4.94 -35.20
N ASP D 17 5.75 4.03 -34.82
CA ASP D 17 5.86 2.74 -35.49
C ASP D 17 4.57 1.95 -35.36
N LEU D 18 3.95 1.98 -34.19
CA LEU D 18 2.70 1.23 -33.99
C LEU D 18 1.58 1.81 -34.85
N ALA D 19 1.49 3.14 -34.94
CA ALA D 19 0.47 3.74 -35.79
C ALA D 19 0.73 3.43 -37.27
N ALA D 20 1.99 3.49 -37.69
CA ALA D 20 2.31 3.21 -39.09
C ALA D 20 1.98 1.76 -39.47
N LEU D 21 2.06 0.84 -38.50
CA LEU D 21 1.72 -0.55 -38.77
C LEU D 21 0.22 -0.75 -38.92
N GLY D 22 -0.59 0.12 -38.33
CA GLY D 22 -2.03 0.04 -38.46
C GLY D 22 -2.76 0.05 -37.15
N LEU D 23 -2.03 0.02 -36.04
CA LEU D 23 -2.66 0.09 -34.72
C LEU D 23 -3.40 1.41 -34.59
N ALA D 24 -4.66 1.34 -34.18
CA ALA D 24 -5.56 2.49 -34.25
C ALA D 24 -6.02 2.92 -32.86
N TRP D 25 -6.38 4.20 -32.77
CA TRP D 25 -6.95 4.79 -31.57
C TRP D 25 -8.18 4.02 -31.09
N GLY D 26 -8.19 3.61 -29.83
CA GLY D 26 -9.35 2.91 -29.32
C GLY D 26 -9.37 1.42 -29.59
N ASP D 27 -8.31 0.87 -30.19
CA ASP D 27 -8.26 -0.56 -30.43
C ASP D 27 -8.06 -1.30 -29.12
N ALA D 28 -8.62 -2.51 -29.06
CA ALA D 28 -8.24 -3.47 -28.02
C ALA D 28 -7.12 -4.31 -28.61
N ILE D 29 -5.90 -4.09 -28.14
CA ILE D 29 -4.70 -4.67 -28.74
C ILE D 29 -4.10 -5.67 -27.78
N MET D 30 -3.96 -6.92 -28.24
CA MET D 30 -3.25 -7.96 -27.51
C MET D 30 -1.87 -8.09 -28.12
N VAL D 31 -0.84 -8.11 -27.27
CA VAL D 31 0.54 -8.03 -27.71
C VAL D 31 1.27 -9.28 -27.28
N HIS D 32 2.03 -9.87 -28.21
CA HIS D 32 3.02 -10.90 -27.93
C HIS D 32 4.35 -10.32 -28.38
N ALA D 33 5.23 -10.04 -27.43
CA ALA D 33 6.44 -9.30 -27.70
C ALA D 33 7.67 -10.12 -27.36
N ALA D 34 8.70 -9.97 -28.18
CA ALA D 34 10.06 -10.42 -27.88
C ALA D 34 10.86 -9.13 -27.66
N VAL D 35 10.85 -8.65 -26.41
CA VAL D 35 11.34 -7.32 -26.11
C VAL D 35 12.81 -7.17 -26.47
N SER D 36 13.56 -8.27 -26.45
CA SER D 36 14.98 -8.20 -26.80
C SER D 36 15.19 -7.81 -28.26
N ARG D 37 14.20 -7.98 -29.12
CA ARG D 37 14.35 -7.64 -30.53
C ARG D 37 13.93 -6.22 -30.86
N VAL D 38 13.35 -5.48 -29.91
CA VAL D 38 12.85 -4.14 -30.19
C VAL D 38 13.97 -3.11 -30.26
N GLY D 39 15.08 -3.38 -29.61
CA GLY D 39 16.19 -2.46 -29.56
C GLY D 39 16.35 -1.87 -28.18
N ARG D 40 17.23 -0.89 -28.09
CA ARG D 40 17.51 -0.21 -26.84
C ARG D 40 16.34 0.69 -26.48
N LEU D 41 15.75 0.47 -25.32
CA LEU D 41 14.56 1.19 -24.88
C LEU D 41 14.90 2.12 -23.71
N LEU D 42 14.37 3.35 -23.76
CA LEU D 42 14.69 4.30 -22.70
C LEU D 42 14.07 3.89 -21.38
N ASP D 43 12.88 3.30 -21.41
CA ASP D 43 12.19 2.85 -20.21
C ASP D 43 12.06 1.32 -20.15
N GLY D 44 12.96 0.60 -20.81
CA GLY D 44 12.91 -0.83 -20.81
C GLY D 44 11.63 -1.35 -21.42
N PRO D 45 11.15 -2.51 -20.93
CA PRO D 45 9.90 -3.07 -21.46
C PRO D 45 8.70 -2.17 -21.26
N ASP D 46 8.73 -1.29 -20.25
CA ASP D 46 7.62 -0.37 -20.03
C ASP D 46 7.47 0.63 -21.16
N THR D 47 8.54 0.88 -21.94
CA THR D 47 8.42 1.71 -23.12
C THR D 47 7.36 1.16 -24.07
N ILE D 48 7.36 -0.17 -24.26
CA ILE D 48 6.42 -0.79 -25.17
C ILE D 48 4.98 -0.62 -24.68
N ILE D 49 4.76 -0.82 -23.38
CA ILE D 49 3.41 -0.67 -22.82
C ILE D 49 2.93 0.77 -22.95
N ALA D 50 3.80 1.73 -22.62
CA ALA D 50 3.43 3.14 -22.72
C ALA D 50 3.15 3.52 -24.16
N ALA D 51 3.94 2.99 -25.10
CA ALA D 51 3.70 3.26 -26.51
C ALA D 51 2.35 2.69 -26.95
N LEU D 52 2.02 1.49 -26.48
CA LEU D 52 0.74 0.89 -26.84
C LEU D 52 -0.44 1.71 -26.33
N ARG D 53 -0.34 2.22 -25.10
CA ARG D 53 -1.43 3.03 -24.56
C ARG D 53 -1.54 4.37 -25.28
N ASP D 54 -0.39 4.94 -25.67
CA ASP D 54 -0.41 6.20 -26.40
C ASP D 54 -1.06 6.04 -27.77
N THR D 55 -0.90 4.86 -28.38
CA THR D 55 -1.42 4.65 -29.73
C THR D 55 -2.92 4.42 -29.72
N VAL D 56 -3.43 3.63 -28.77
CA VAL D 56 -4.86 3.34 -28.73
C VAL D 56 -5.63 4.38 -27.93
N GLY D 57 -4.98 5.06 -26.99
CA GLY D 57 -5.62 6.10 -26.21
C GLY D 57 -6.43 5.56 -25.05
N PRO D 58 -7.05 6.47 -24.28
CA PRO D 58 -7.82 6.03 -23.11
C PRO D 58 -9.05 5.23 -23.46
N GLY D 59 -9.55 5.33 -24.70
CA GLY D 59 -10.64 4.47 -25.12
C GLY D 59 -10.20 3.09 -25.56
N GLY D 60 -8.90 2.87 -25.74
CA GLY D 60 -8.39 1.57 -26.11
C GLY D 60 -8.01 0.74 -24.89
N THR D 61 -7.64 -0.50 -25.15
CA THR D 61 -7.27 -1.45 -24.11
C THR D 61 -6.06 -2.26 -24.58
N VAL D 62 -5.12 -2.49 -23.67
CA VAL D 62 -3.90 -3.25 -23.95
C VAL D 62 -3.98 -4.57 -23.17
N LEU D 63 -3.76 -5.67 -23.88
CA LEU D 63 -3.91 -7.00 -23.30
C LEU D 63 -2.67 -7.84 -23.56
N ALA D 64 -2.43 -8.81 -22.69
CA ALA D 64 -1.36 -9.78 -22.86
C ALA D 64 -1.78 -11.09 -22.22
N TYR D 65 -1.19 -12.19 -22.70
CA TYR D 65 -1.47 -13.51 -22.14
C TYR D 65 -0.58 -13.73 -20.92
N ALA D 66 -1.21 -13.87 -19.75
CA ALA D 66 -0.46 -13.97 -18.50
C ALA D 66 -0.13 -15.42 -18.13
N ASP D 67 -1.10 -16.33 -18.21
CA ASP D 67 -0.94 -17.71 -17.73
C ASP D 67 -0.60 -17.63 -16.25
N TRP D 68 0.05 -18.64 -15.70
CA TRP D 68 0.49 -18.53 -14.30
C TRP D 68 1.62 -19.50 -14.06
N GLU D 69 2.63 -19.03 -13.35
CA GLU D 69 3.82 -19.82 -13.04
C GLU D 69 3.43 -20.84 -11.98
N ALA D 70 3.21 -22.09 -12.40
CA ALA D 70 2.74 -23.15 -11.49
C ALA D 70 3.51 -24.42 -11.80
N ARG D 71 4.68 -24.56 -11.17
CA ARG D 71 5.58 -25.69 -11.41
C ARG D 71 5.12 -26.99 -10.79
N TYR D 72 4.02 -26.98 -10.03
CA TYR D 72 3.52 -28.20 -9.42
C TYR D 72 2.96 -29.18 -10.43
N GLU D 73 2.84 -28.77 -11.70
CA GLU D 73 2.33 -29.66 -12.74
C GLU D 73 3.23 -30.88 -12.90
N ASP D 74 4.51 -30.74 -12.55
CA ASP D 74 5.45 -31.86 -12.62
C ASP D 74 5.12 -32.96 -11.61
N LEU D 75 4.37 -32.65 -10.57
CA LEU D 75 4.09 -33.61 -9.50
C LEU D 75 2.78 -34.39 -9.69
N VAL D 76 1.95 -34.03 -10.66
CA VAL D 76 0.63 -34.64 -10.76
C VAL D 76 0.74 -36.04 -11.34
N ASP D 77 -0.25 -36.88 -11.02
CA ASP D 77 -0.28 -38.22 -11.58
C ASP D 77 -0.85 -38.17 -12.99
N ASP D 78 -1.34 -39.30 -13.49
CA ASP D 78 -1.83 -39.34 -14.87
C ASP D 78 -3.26 -38.85 -14.98
N ALA D 79 -4.00 -38.75 -13.88
CA ALA D 79 -5.32 -38.14 -13.87
C ALA D 79 -5.27 -36.64 -13.59
N GLY D 80 -4.07 -36.06 -13.47
CA GLY D 80 -3.94 -34.66 -13.15
C GLY D 80 -4.17 -34.29 -11.71
N ARG D 81 -4.02 -35.25 -10.79
CA ARG D 81 -4.26 -35.06 -9.36
C ARG D 81 -2.93 -34.82 -8.66
N VAL D 82 -2.96 -33.97 -7.64
CA VAL D 82 -1.77 -33.70 -6.84
C VAL D 82 -1.68 -34.70 -5.70
N PRO D 83 -0.55 -35.36 -5.51
CA PRO D 83 -0.40 -36.33 -4.42
C PRO D 83 -0.61 -35.65 -3.07
N PRO D 84 -1.26 -36.34 -2.12
CA PRO D 84 -1.54 -35.73 -0.82
C PRO D 84 -0.31 -35.16 -0.10
N GLU D 85 0.89 -35.68 -0.36
CA GLU D 85 2.08 -35.10 0.27
C GLU D 85 2.35 -33.67 -0.18
N TRP D 86 1.83 -33.28 -1.34
CA TRP D 86 2.13 -31.98 -1.90
C TRP D 86 0.99 -30.97 -1.80
N ARG D 87 -0.21 -31.41 -1.41
CA ARG D 87 -1.38 -30.54 -1.50
C ARG D 87 -1.20 -29.27 -0.68
N GLU D 88 -0.74 -29.40 0.56
CA GLU D 88 -0.60 -28.25 1.45
C GLU D 88 0.60 -27.38 1.12
N HIS D 89 1.48 -27.81 0.21
CA HIS D 89 2.65 -27.02 -0.15
C HIS D 89 2.48 -26.27 -1.47
N VAL D 90 1.52 -26.66 -2.30
CA VAL D 90 1.34 -26.02 -3.60
C VAL D 90 0.79 -24.62 -3.36
N PRO D 91 1.47 -23.57 -3.79
CA PRO D 91 0.93 -22.22 -3.66
C PRO D 91 -0.33 -22.09 -4.50
N PRO D 92 -1.44 -21.65 -3.90
CA PRO D 92 -2.69 -21.53 -4.66
C PRO D 92 -2.71 -20.30 -5.54
N PHE D 93 -3.62 -20.32 -6.52
CA PHE D 93 -3.71 -19.24 -7.48
C PHE D 93 -4.42 -18.04 -6.86
N ASP D 94 -3.79 -16.87 -6.99
CA ASP D 94 -4.38 -15.61 -6.57
C ASP D 94 -4.32 -14.71 -7.81
N PRO D 95 -5.46 -14.31 -8.37
CA PRO D 95 -5.42 -13.52 -9.61
C PRO D 95 -4.62 -12.23 -9.50
N GLN D 96 -4.49 -11.66 -8.31
CA GLN D 96 -3.77 -10.40 -8.14
C GLN D 96 -2.32 -10.59 -7.70
N ARG D 97 -1.95 -11.75 -7.16
CA ARG D 97 -0.60 -11.94 -6.65
C ARG D 97 0.21 -12.97 -7.42
N SER D 98 -0.44 -13.93 -8.06
CA SER D 98 0.27 -14.93 -8.84
C SER D 98 0.94 -14.29 -10.04
N ARG D 99 2.21 -14.62 -10.26
CA ARG D 99 2.95 -14.07 -11.36
C ARG D 99 2.43 -14.60 -12.70
N ALA D 100 2.74 -13.88 -13.77
CA ALA D 100 2.58 -14.42 -15.11
C ALA D 100 3.69 -15.43 -15.38
N ILE D 101 3.40 -16.40 -16.25
CA ILE D 101 4.37 -17.44 -16.53
C ILE D 101 5.57 -16.81 -17.24
N ARG D 102 6.78 -17.27 -16.86
CA ARG D 102 7.98 -16.67 -17.44
C ARG D 102 8.16 -17.04 -18.91
N ASP D 103 7.58 -18.17 -19.36
CA ASP D 103 7.73 -18.57 -20.75
C ASP D 103 7.20 -17.50 -21.70
N ASN D 104 6.18 -16.75 -21.28
CA ASN D 104 5.56 -15.74 -22.12
C ASN D 104 6.39 -14.46 -22.23
N GLY D 105 7.48 -14.35 -21.48
CA GLY D 105 8.34 -13.20 -21.57
C GLY D 105 8.08 -12.20 -20.45
N VAL D 106 8.94 -11.19 -20.41
CA VAL D 106 8.88 -10.18 -19.36
C VAL D 106 7.64 -9.29 -19.49
N LEU D 107 7.18 -9.05 -20.72
CA LEU D 107 6.14 -8.04 -20.92
C LEU D 107 4.83 -8.36 -20.22
N PRO D 108 4.25 -9.56 -20.32
CA PRO D 108 3.00 -9.81 -19.59
C PRO D 108 3.11 -9.59 -18.09
N GLU D 109 4.27 -9.88 -17.49
CA GLU D 109 4.43 -9.62 -16.07
C GLU D 109 4.59 -8.13 -15.79
N PHE D 110 5.29 -7.40 -16.65
CA PHE D 110 5.41 -5.96 -16.49
C PHE D 110 4.07 -5.27 -16.66
N LEU D 111 3.26 -5.74 -17.61
CA LEU D 111 1.91 -5.19 -17.75
C LEU D 111 1.05 -5.56 -16.55
N ARG D 112 1.16 -6.79 -16.06
CA ARG D 112 0.33 -7.25 -14.95
C ARG D 112 0.56 -6.41 -13.69
N THR D 113 1.81 -6.00 -13.45
CA THR D 113 2.15 -5.23 -12.27
C THR D 113 2.09 -3.72 -12.51
N THR D 114 1.60 -3.28 -13.66
CA THR D 114 1.34 -1.87 -13.90
C THR D 114 0.02 -1.47 -13.24
N PRO D 115 0.00 -0.47 -12.38
CA PRO D 115 -1.27 -0.06 -11.72
C PRO D 115 -2.34 0.28 -12.75
N GLY D 116 -3.50 -0.35 -12.58
CA GLY D 116 -4.60 -0.24 -13.52
C GLY D 116 -4.86 -1.50 -14.31
N THR D 117 -3.94 -2.47 -14.27
CA THR D 117 -4.14 -3.73 -14.97
C THR D 117 -4.98 -4.68 -14.13
N LEU D 118 -5.88 -5.40 -14.80
CA LEU D 118 -6.67 -6.47 -14.19
C LEU D 118 -6.27 -7.82 -14.79
N ARG D 119 -6.51 -8.88 -14.03
CA ARG D 119 -6.11 -10.22 -14.41
C ARG D 119 -7.29 -11.17 -14.21
N SER D 120 -7.59 -11.98 -15.23
CA SER D 120 -8.77 -12.83 -15.21
C SER D 120 -8.56 -14.03 -14.29
N GLY D 121 -9.66 -14.74 -14.01
CA GLY D 121 -9.68 -15.75 -12.95
C GLY D 121 -9.27 -17.15 -13.32
N ASN D 122 -9.23 -17.47 -14.62
CA ASN D 122 -8.78 -18.78 -15.07
C ASN D 122 -7.25 -18.79 -15.09
N PRO D 123 -6.59 -19.50 -14.16
CA PRO D 123 -5.14 -19.37 -14.01
C PRO D 123 -4.35 -19.65 -15.29
N GLY D 124 -4.52 -20.84 -15.86
CA GLY D 124 -3.74 -21.21 -17.02
C GLY D 124 -4.04 -20.39 -18.26
N ALA D 125 -5.28 -19.89 -18.37
CA ALA D 125 -5.71 -19.14 -19.54
C ALA D 125 -5.81 -17.64 -19.27
N SER D 126 -5.31 -17.18 -18.13
CA SER D 126 -5.56 -15.80 -17.71
C SER D 126 -4.93 -14.79 -18.66
N LEU D 127 -5.67 -13.71 -18.89
CA LEU D 127 -5.19 -12.55 -19.61
C LEU D 127 -5.10 -11.36 -18.66
N VAL D 128 -4.24 -10.42 -18.99
CA VAL D 128 -4.17 -9.13 -18.31
C VAL D 128 -4.70 -8.08 -19.27
N ALA D 129 -5.38 -7.08 -18.73
CA ALA D 129 -5.94 -6.00 -19.53
C ALA D 129 -5.76 -4.68 -18.81
N LEU D 130 -5.42 -3.64 -19.58
CA LEU D 130 -5.19 -2.30 -19.07
C LEU D 130 -5.82 -1.29 -20.02
N GLY D 131 -6.81 -0.56 -19.54
CA GLY D 131 -7.48 0.43 -20.36
C GLY D 131 -8.98 0.48 -20.16
N ALA D 132 -9.69 0.93 -21.19
CA ALA D 132 -11.12 1.24 -21.04
C ALA D 132 -11.93 0.00 -20.66
N LYS D 133 -11.75 -1.09 -21.40
CA LYS D 133 -12.53 -2.31 -21.21
C LYS D 133 -11.76 -3.38 -20.43
N ALA D 134 -10.84 -2.97 -19.56
CA ALA D 134 -10.04 -3.94 -18.81
C ALA D 134 -10.90 -4.81 -17.92
N GLU D 135 -11.91 -4.21 -17.27
CA GLU D 135 -12.78 -4.99 -16.40
C GLU D 135 -13.64 -5.97 -17.19
N TRP D 136 -14.18 -5.53 -18.34
CA TRP D 136 -15.03 -6.43 -19.11
C TRP D 136 -14.22 -7.58 -19.69
N PHE D 137 -13.00 -7.31 -20.16
CA PHE D 137 -12.17 -8.35 -20.75
C PHE D 137 -11.81 -9.44 -19.76
N THR D 138 -11.62 -9.09 -18.49
CA THR D 138 -11.13 -10.03 -17.49
C THR D 138 -12.21 -10.56 -16.57
N ALA D 139 -13.46 -10.16 -16.78
CA ALA D 139 -14.54 -10.56 -15.88
C ALA D 139 -15.11 -11.92 -16.26
N ASP D 140 -15.41 -12.72 -15.24
CA ASP D 140 -16.16 -13.96 -15.39
C ASP D 140 -15.50 -14.90 -16.39
N HIS D 141 -14.21 -15.12 -16.21
CA HIS D 141 -13.50 -16.07 -17.04
C HIS D 141 -13.88 -17.49 -16.64
N PRO D 142 -14.55 -18.26 -17.49
CA PRO D 142 -14.93 -19.62 -17.10
C PRO D 142 -13.71 -20.48 -16.82
N LEU D 143 -13.77 -21.25 -15.74
CA LEU D 143 -12.64 -22.05 -15.29
C LEU D 143 -12.45 -23.29 -16.15
N ASP D 144 -13.51 -23.83 -16.74
CA ASP D 144 -13.42 -24.96 -17.64
C ASP D 144 -13.51 -24.47 -19.08
N TYR D 145 -12.65 -25.01 -19.94
CA TYR D 145 -12.54 -24.60 -21.33
C TYR D 145 -12.39 -23.09 -21.44
N GLY D 146 -11.36 -22.59 -20.77
CA GLY D 146 -11.12 -21.16 -20.65
C GLY D 146 -10.58 -20.48 -21.90
N TYR D 147 -10.51 -21.21 -23.01
CA TYR D 147 -10.17 -20.64 -24.30
C TYR D 147 -11.37 -20.60 -25.23
N GLY D 148 -12.56 -20.87 -24.71
CA GLY D 148 -13.74 -20.96 -25.55
C GLY D 148 -14.75 -19.86 -25.31
N GLU D 149 -16.00 -20.25 -25.10
CA GLU D 149 -17.11 -19.31 -25.03
C GLU D 149 -17.01 -18.47 -23.75
N GLY D 150 -17.19 -17.16 -23.88
CA GLY D 150 -17.14 -16.26 -22.75
C GLY D 150 -15.77 -15.94 -22.20
N SER D 151 -14.71 -16.42 -22.84
CA SER D 151 -13.35 -16.18 -22.38
C SER D 151 -12.89 -14.81 -22.85
N PRO D 152 -11.79 -14.29 -22.28
CA PRO D 152 -11.23 -13.03 -22.79
C PRO D 152 -10.87 -13.09 -24.26
N LEU D 153 -10.44 -14.24 -24.77
CA LEU D 153 -10.13 -14.35 -26.19
C LEU D 153 -11.37 -14.20 -27.04
N ALA D 154 -12.50 -14.79 -26.60
CA ALA D 154 -13.75 -14.59 -27.31
C ALA D 154 -14.21 -13.13 -27.24
N LYS D 155 -13.92 -12.45 -26.13
CA LYS D 155 -14.30 -11.05 -26.03
C LYS D 155 -13.45 -10.17 -26.93
N LEU D 156 -12.18 -10.51 -27.12
CA LEU D 156 -11.34 -9.78 -28.06
C LEU D 156 -11.89 -9.90 -29.47
N VAL D 157 -12.40 -11.08 -29.83
CA VAL D 157 -13.09 -11.24 -31.10
C VAL D 157 -14.38 -10.44 -31.13
N GLU D 158 -15.13 -10.48 -30.02
CA GLU D 158 -16.39 -9.73 -29.93
C GLU D 158 -16.17 -8.24 -30.08
N ALA D 159 -15.10 -7.71 -29.49
CA ALA D 159 -14.84 -6.28 -29.48
C ALA D 159 -14.16 -5.79 -30.75
N GLY D 160 -13.99 -6.63 -31.76
CA GLY D 160 -13.25 -6.20 -32.94
C GLY D 160 -11.80 -5.87 -32.66
N GLY D 161 -11.17 -6.56 -31.72
CA GLY D 161 -9.81 -6.28 -31.34
C GLY D 161 -8.79 -6.77 -32.35
N LYS D 162 -7.51 -6.53 -32.03
CA LYS D 162 -6.40 -6.92 -32.88
C LYS D 162 -5.33 -7.59 -32.03
N VAL D 163 -4.46 -8.36 -32.70
CA VAL D 163 -3.34 -9.03 -32.05
C VAL D 163 -2.04 -8.58 -32.73
N LEU D 164 -1.07 -8.18 -31.93
CA LEU D 164 0.22 -7.69 -32.40
C LEU D 164 1.32 -8.68 -32.00
N MET D 165 2.02 -9.23 -33.00
CA MET D 165 3.21 -10.04 -32.76
C MET D 165 4.40 -9.11 -32.89
N LEU D 166 4.90 -8.62 -31.75
CA LEU D 166 5.99 -7.64 -31.75
C LEU D 166 7.31 -8.40 -31.65
N GLY D 167 7.80 -8.84 -32.80
CA GLY D 167 9.04 -9.59 -32.87
C GLY D 167 8.97 -11.00 -32.34
N ALA D 168 7.82 -11.43 -31.84
CA ALA D 168 7.64 -12.76 -31.28
C ALA D 168 7.39 -13.78 -32.39
N PRO D 169 7.80 -15.03 -32.17
CA PRO D 169 7.45 -16.08 -33.14
C PRO D 169 5.94 -16.17 -33.31
N LEU D 170 5.52 -16.37 -34.56
CA LEU D 170 4.09 -16.31 -34.89
C LEU D 170 3.29 -17.41 -34.20
N ASP D 171 3.93 -18.50 -33.78
CA ASP D 171 3.24 -19.61 -33.15
C ASP D 171 2.84 -19.34 -31.71
N THR D 172 3.22 -18.19 -31.14
CA THR D 172 2.84 -17.85 -29.77
C THR D 172 1.54 -17.06 -29.71
N LEU D 173 0.82 -16.98 -30.82
CA LEU D 173 -0.46 -16.27 -30.91
C LEU D 173 -1.51 -17.04 -30.12
N THR D 174 -1.78 -16.59 -28.88
CA THR D 174 -2.69 -17.32 -28.00
C THR D 174 -4.10 -17.39 -28.56
N LEU D 175 -4.52 -16.39 -29.33
CA LEU D 175 -5.89 -16.36 -29.84
C LEU D 175 -6.20 -17.57 -30.70
N LEU D 176 -5.19 -18.16 -31.36
CA LEU D 176 -5.46 -19.32 -32.19
C LEU D 176 -5.84 -20.55 -31.38
N HIS D 177 -5.58 -20.56 -30.07
CA HIS D 177 -6.14 -21.61 -29.22
C HIS D 177 -7.65 -21.47 -29.11
N HIS D 178 -8.17 -20.24 -29.21
CA HIS D 178 -9.61 -20.05 -29.24
C HIS D 178 -10.19 -20.54 -30.56
N ALA D 179 -9.43 -20.46 -31.64
CA ALA D 179 -9.84 -21.10 -32.89
C ALA D 179 -9.81 -22.62 -32.75
N GLU D 180 -8.78 -23.15 -32.09
CA GLU D 180 -8.72 -24.58 -31.83
C GLU D 180 -9.94 -25.05 -31.05
N HIS D 181 -10.36 -24.26 -30.06
CA HIS D 181 -11.55 -24.61 -29.28
C HIS D 181 -12.80 -24.65 -30.16
N LEU D 182 -12.96 -23.67 -31.05
CA LEU D 182 -14.18 -23.55 -31.85
C LEU D 182 -14.25 -24.54 -33.01
N ALA D 183 -13.10 -25.03 -33.49
CA ALA D 183 -13.07 -25.84 -34.69
C ALA D 183 -13.83 -27.16 -34.49
N ASP D 184 -14.72 -27.47 -35.43
CA ASP D 184 -15.48 -28.72 -35.39
C ASP D 184 -14.65 -29.79 -36.11
N ILE D 185 -13.68 -30.33 -35.38
CA ILE D 185 -12.77 -31.34 -35.91
C ILE D 185 -12.68 -32.49 -34.90
N PRO D 186 -12.35 -33.70 -35.35
CA PRO D 186 -12.21 -34.82 -34.42
C PRO D 186 -10.78 -34.91 -33.88
N GLY D 187 -10.63 -35.75 -32.86
CA GLY D 187 -9.32 -35.97 -32.27
C GLY D 187 -8.83 -34.86 -31.37
N LYS D 188 -9.72 -34.04 -30.84
CA LYS D 188 -9.29 -32.96 -29.97
C LYS D 188 -8.77 -33.51 -28.66
N ARG D 189 -7.54 -33.14 -28.31
CA ARG D 189 -6.91 -33.58 -27.08
C ARG D 189 -7.44 -32.79 -25.88
N ILE D 190 -7.53 -33.46 -24.75
CA ILE D 190 -8.15 -32.91 -23.54
C ILE D 190 -7.13 -32.90 -22.42
N LYS D 191 -7.07 -31.79 -21.70
CA LYS D 191 -6.22 -31.64 -20.52
C LYS D 191 -7.10 -31.56 -19.28
N ARG D 192 -6.74 -32.36 -18.27
CA ARG D 192 -7.43 -32.38 -16.99
C ARG D 192 -6.40 -32.25 -15.89
N ILE D 193 -6.58 -31.26 -15.01
CA ILE D 193 -5.61 -31.01 -13.95
C ILE D 193 -6.31 -30.38 -12.75
N GLU D 194 -5.75 -30.64 -11.57
CA GLU D 194 -6.19 -30.01 -10.33
C GLU D 194 -5.50 -28.67 -10.19
N VAL D 195 -6.29 -27.63 -9.92
CA VAL D 195 -5.78 -26.27 -9.80
C VAL D 195 -6.10 -25.79 -8.38
N PRO D 196 -5.13 -25.26 -7.64
CA PRO D 196 -5.43 -24.71 -6.31
C PRO D 196 -5.84 -23.25 -6.39
N PHE D 197 -6.89 -22.90 -5.65
CA PHE D 197 -7.40 -21.53 -5.61
C PHE D 197 -7.28 -21.01 -4.18
N ALA D 198 -6.75 -19.79 -4.04
CA ALA D 198 -6.60 -19.18 -2.73
C ALA D 198 -7.93 -18.70 -2.18
N THR D 199 -8.23 -19.10 -0.95
CA THR D 199 -9.45 -18.73 -0.24
C THR D 199 -9.09 -18.28 1.16
N PRO D 200 -9.94 -17.45 1.79
CA PRO D 200 -9.66 -17.05 3.18
C PRO D 200 -9.55 -18.23 4.14
N THR D 201 -10.20 -19.35 3.82
CA THR D 201 -10.21 -20.54 4.66
C THR D 201 -9.13 -21.54 4.29
N GLY D 202 -8.30 -21.24 3.29
CA GLY D 202 -7.24 -22.13 2.89
C GLY D 202 -7.26 -22.33 1.40
N THR D 203 -6.64 -23.43 0.96
CA THR D 203 -6.57 -23.78 -0.45
C THR D 203 -7.76 -24.65 -0.81
N GLN D 204 -8.45 -24.29 -1.89
CA GLN D 204 -9.57 -25.08 -2.40
C GLN D 204 -9.16 -25.61 -3.77
N TRP D 205 -9.11 -26.93 -3.90
CA TRP D 205 -8.69 -27.58 -5.13
C TRP D 205 -9.88 -27.87 -6.03
N ARG D 206 -9.67 -27.71 -7.33
CA ARG D 206 -10.71 -27.92 -8.33
C ARG D 206 -10.08 -28.53 -9.56
N MET D 207 -10.76 -29.50 -10.17
CA MET D 207 -10.29 -30.07 -11.42
C MET D 207 -10.81 -29.24 -12.59
N ILE D 208 -9.91 -28.91 -13.51
CA ILE D 208 -10.19 -28.09 -14.68
C ILE D 208 -10.05 -28.96 -15.92
N GLU D 209 -11.04 -28.90 -16.79
CA GLU D 209 -11.02 -29.57 -18.08
C GLU D 209 -11.03 -28.53 -19.18
N GLU D 210 -10.14 -28.72 -20.16
CA GLU D 210 -10.03 -27.85 -21.33
C GLU D 210 -9.36 -28.65 -22.43
N PHE D 211 -9.48 -28.15 -23.66
CA PHE D 211 -8.67 -28.67 -24.74
C PHE D 211 -7.21 -28.37 -24.45
N ASP D 212 -6.34 -29.36 -24.66
CA ASP D 212 -4.93 -29.23 -24.33
C ASP D 212 -4.28 -28.19 -25.22
N THR D 213 -3.74 -27.13 -24.62
CA THR D 213 -3.05 -26.08 -25.34
C THR D 213 -1.53 -26.19 -25.26
N GLY D 214 -1.01 -27.18 -24.56
CA GLY D 214 0.43 -27.42 -24.53
C GLY D 214 0.98 -28.06 -25.78
N ASP D 215 0.11 -28.56 -26.65
CA ASP D 215 0.49 -29.13 -27.92
C ASP D 215 -0.61 -28.80 -28.92
N PRO D 216 -0.39 -29.05 -30.21
CA PRO D 216 -1.48 -28.90 -31.18
C PRO D 216 -2.71 -29.69 -30.75
N ILE D 217 -3.89 -29.15 -31.07
CA ILE D 217 -5.13 -29.73 -30.56
C ILE D 217 -5.33 -31.14 -31.07
N VAL D 218 -4.85 -31.45 -32.27
CA VAL D 218 -5.02 -32.77 -32.86
C VAL D 218 -3.67 -33.32 -33.29
N ALA D 219 -3.63 -34.63 -33.50
CA ALA D 219 -2.41 -35.30 -33.95
C ALA D 219 -2.10 -34.94 -35.40
N GLY D 220 -0.83 -35.05 -35.76
CA GLY D 220 -0.40 -34.79 -37.12
C GLY D 220 -0.02 -33.36 -37.41
N LEU D 221 0.06 -32.50 -36.40
CA LEU D 221 0.43 -31.11 -36.58
C LEU D 221 1.75 -30.83 -35.89
N ALA D 222 2.56 -29.96 -36.49
CA ALA D 222 3.81 -29.57 -35.87
C ALA D 222 3.53 -28.66 -34.67
N GLU D 223 4.51 -28.56 -33.77
CA GLU D 223 4.34 -27.78 -32.55
C GLU D 223 4.09 -26.30 -32.88
N ASP D 224 4.82 -25.76 -33.84
CA ASP D 224 4.71 -24.36 -34.23
C ASP D 224 3.76 -24.14 -35.40
N TYR D 225 2.78 -25.03 -35.61
CA TYR D 225 1.91 -24.95 -36.77
C TYR D 225 1.06 -23.68 -36.77
N PHE D 226 0.95 -22.97 -35.64
CA PHE D 226 0.27 -21.69 -35.64
C PHE D 226 0.95 -20.71 -36.58
N ALA D 227 2.28 -20.75 -36.64
CA ALA D 227 3.00 -19.85 -37.55
C ALA D 227 2.61 -20.06 -39.00
N GLY D 228 2.31 -21.30 -39.39
CA GLY D 228 1.85 -21.55 -40.74
C GLY D 228 0.49 -20.94 -41.01
N ILE D 229 -0.38 -20.89 -39.99
CA ILE D 229 -1.69 -20.29 -40.16
C ILE D 229 -1.57 -18.78 -40.34
N VAL D 230 -0.77 -18.13 -39.49
CA VAL D 230 -0.58 -16.69 -39.61
C VAL D 230 0.07 -16.35 -40.95
N THR D 231 1.06 -17.16 -41.37
CA THR D 231 1.70 -16.95 -42.66
C THR D 231 0.70 -17.05 -43.80
N GLU D 232 -0.17 -18.07 -43.78
CA GLU D 232 -1.17 -18.19 -44.82
C GLU D 232 -2.22 -17.08 -44.70
N PHE D 233 -2.48 -16.61 -43.48
CA PHE D 233 -3.39 -15.47 -43.31
C PHE D 233 -2.79 -14.21 -43.93
N LEU D 234 -1.50 -13.97 -43.70
CA LEU D 234 -0.83 -12.83 -44.32
C LEU D 234 -0.74 -13.01 -45.83
N ALA D 235 -0.47 -14.23 -46.30
CA ALA D 235 -0.34 -14.48 -47.73
C ALA D 235 -1.65 -14.27 -48.47
N SER D 236 -2.79 -14.38 -47.79
CA SER D 236 -4.09 -14.15 -48.41
C SER D 236 -4.43 -12.67 -48.54
N GLY D 237 -3.51 -11.78 -48.18
CA GLY D 237 -3.75 -10.35 -48.29
C GLY D 237 -4.32 -9.68 -47.06
N GLN D 238 -4.38 -10.36 -45.93
CA GLN D 238 -4.90 -9.79 -44.69
C GLN D 238 -3.76 -9.56 -43.71
N GLY D 239 -3.93 -8.58 -42.83
CA GLY D 239 -2.92 -8.24 -41.87
C GLY D 239 -1.88 -7.31 -42.45
N ARG D 240 -1.06 -6.77 -41.57
CA ARG D 240 -0.01 -5.83 -41.96
C ARG D 240 1.31 -6.23 -41.30
N GLN D 241 2.40 -6.05 -42.03
CA GLN D 241 3.73 -6.35 -41.52
C GLN D 241 4.59 -5.10 -41.60
N GLY D 242 5.47 -4.95 -40.63
CA GLY D 242 6.30 -3.76 -40.53
C GLY D 242 7.14 -3.85 -39.27
N LEU D 243 7.98 -2.83 -39.08
CA LEU D 243 8.91 -2.80 -37.97
C LEU D 243 8.32 -1.99 -36.81
N ILE D 244 8.44 -2.54 -35.61
CA ILE D 244 8.20 -1.81 -34.38
C ILE D 244 9.56 -1.70 -33.70
N GLY D 245 10.16 -0.52 -33.75
CA GLY D 245 11.56 -0.42 -33.38
C GLY D 245 12.38 -1.23 -34.36
N ALA D 246 13.19 -2.16 -33.84
CA ALA D 246 14.01 -3.03 -34.67
C ALA D 246 13.39 -4.42 -34.85
N ALA D 247 12.15 -4.61 -34.39
CA ALA D 247 11.55 -5.94 -34.38
C ALA D 247 10.59 -6.10 -35.54
N PRO D 248 10.80 -7.09 -36.41
CA PRO D 248 9.77 -7.40 -37.42
C PRO D 248 8.49 -7.83 -36.73
N SER D 249 7.39 -7.19 -37.09
CA SER D 249 6.14 -7.35 -36.36
C SER D 249 4.99 -7.67 -37.32
N VAL D 250 3.94 -8.26 -36.76
CA VAL D 250 2.73 -8.62 -37.48
C VAL D 250 1.53 -8.14 -36.68
N LEU D 251 0.57 -7.53 -37.37
CA LEU D 251 -0.68 -7.07 -36.77
C LEU D 251 -1.84 -7.71 -37.53
N VAL D 252 -2.75 -8.34 -36.81
CA VAL D 252 -3.88 -9.04 -37.41
C VAL D 252 -5.15 -8.70 -36.66
N ASP D 253 -6.28 -8.76 -37.38
CA ASP D 253 -7.58 -8.54 -36.78
C ASP D 253 -8.02 -9.81 -36.04
N ALA D 254 -8.47 -9.65 -34.80
CA ALA D 254 -8.76 -10.81 -33.95
C ALA D 254 -9.88 -11.66 -34.54
N ALA D 255 -10.93 -11.01 -35.04
CA ALA D 255 -12.05 -11.76 -35.61
C ALA D 255 -11.65 -12.46 -36.91
N ALA D 256 -10.83 -11.79 -37.73
CA ALA D 256 -10.46 -12.36 -39.02
C ALA D 256 -9.55 -13.57 -38.86
N ILE D 257 -8.52 -13.46 -38.02
CA ILE D 257 -7.58 -14.57 -37.85
C ILE D 257 -8.24 -15.75 -37.15
N THR D 258 -9.19 -15.49 -36.25
CA THR D 258 -9.86 -16.59 -35.56
C THR D 258 -10.70 -17.42 -36.53
N ALA D 259 -11.51 -16.76 -37.35
CA ALA D 259 -12.30 -17.48 -38.35
C ALA D 259 -11.40 -18.18 -39.36
N PHE D 260 -10.28 -17.54 -39.72
CA PHE D 260 -9.31 -18.17 -40.61
C PHE D 260 -8.76 -19.44 -39.99
N GLY D 261 -8.41 -19.38 -38.69
CA GLY D 261 -7.92 -20.57 -38.01
C GLY D 261 -8.94 -21.67 -37.95
N VAL D 262 -10.21 -21.31 -37.70
CA VAL D 262 -11.26 -22.33 -37.67
C VAL D 262 -11.39 -23.00 -39.04
N THR D 263 -11.43 -22.20 -40.10
CA THR D 263 -11.54 -22.75 -41.45
C THR D 263 -10.28 -23.52 -41.83
N TRP D 264 -9.12 -23.06 -41.38
CA TRP D 264 -7.87 -23.78 -41.66
C TRP D 264 -7.91 -25.17 -41.05
N LEU D 265 -8.40 -25.28 -39.81
CA LEU D 265 -8.45 -26.58 -39.15
C LEU D 265 -9.57 -27.45 -39.72
N GLU D 266 -10.73 -26.85 -40.02
CA GLU D 266 -11.86 -27.64 -40.49
C GLU D 266 -11.67 -28.11 -41.94
N LYS D 267 -10.78 -27.47 -42.71
CA LYS D 267 -10.51 -27.96 -44.05
C LYS D 267 -9.61 -29.17 -44.03
N ARG D 268 -8.60 -29.16 -43.17
CA ARG D 268 -7.64 -30.25 -43.07
C ARG D 268 -8.18 -31.44 -42.27
N PHE D 269 -8.95 -31.20 -41.20
CA PHE D 269 -9.45 -32.29 -40.39
C PHE D 269 -10.96 -32.42 -40.33
N GLY D 270 -11.72 -31.50 -40.90
CA GLY D 270 -13.17 -31.59 -40.83
C GLY D 270 -13.68 -32.90 -41.41
N THR D 271 -14.93 -33.19 -41.09
CA THR D 271 -15.52 -34.47 -41.42
C THR D 271 -16.58 -34.41 -42.52
N1A COA E . -13.01 5.30 17.79
C2A COA E . -13.97 4.35 17.91
N3A COA E . -15.24 4.58 17.47
C4A COA E . -15.55 5.77 16.88
C5A COA E . -14.61 6.71 16.75
C6A COA E . -13.31 6.46 17.22
N6A COA E . -12.16 7.30 17.19
N7A COA E . -15.18 7.78 16.16
C8A COA E . -16.46 7.49 15.92
N9A COA E . -16.70 6.25 16.37
C1B COA E . -17.93 5.50 16.34
C2B COA E . -18.70 5.78 17.37
O2B COA E . -19.49 4.62 17.69
C3B COA E . -19.64 6.91 16.89
O3B COA E . -20.82 6.85 17.52
P3B COA E . -21.17 8.00 18.73
O7A COA E . -22.67 8.07 18.94
O8A COA E . -20.64 9.38 18.32
O9A COA E . -20.52 7.54 20.02
C4B COA E . -19.89 6.49 15.39
O4B COA E . -18.80 5.91 14.99
C5B COA E . -20.18 7.71 14.54
O5B COA E . -20.35 7.22 13.24
P1A COA E . -20.10 8.26 11.98
O1A COA E . -18.68 8.74 11.99
O2A COA E . -20.39 7.53 10.70
O3A COA E . -21.15 9.51 12.16
P2A COA E . -22.83 9.31 12.31
O4A COA E . -23.33 10.13 13.48
O5A COA E . -23.18 7.85 12.54
O6A COA E . -23.55 9.83 10.93
CBP COA E . -22.77 11.00 9.01
CCP COA E . -23.17 11.12 10.47
CDP COA E . -21.49 10.23 8.95
CEP COA E . -22.55 12.39 8.43
CAP COA E . -23.89 10.26 8.26
OAP COA E . -25.05 10.96 8.43
C9P COA E . -23.56 10.16 6.74
O9P COA E . -23.94 11.04 5.97
N8P COA E . -22.74 8.99 6.21
C7P COA E . -22.39 8.90 4.72
C6P COA E . -21.09 9.69 4.55
C5P COA E . -20.64 9.81 3.08
O5P COA E . -20.16 8.88 2.50
N4P COA E . -20.78 11.07 2.45
C3P COA E . -20.38 11.29 1.06
C2P COA E . -20.33 12.83 0.84
S1P COA E . -21.98 13.53 1.32
O1 2PE F . 6.79 10.17 -2.58
C2 2PE F . 6.45 10.06 -1.22
C3 2PE F . 7.52 9.25 -0.48
O4 2PE F . 7.48 7.91 -0.88
C5 2PE F . 6.91 7.05 0.06
C6 2PE F . 6.09 6.01 -0.69
O7 2PE F . 5.54 5.10 0.22
C8 2PE F . 4.60 4.21 -0.34
C9 2PE F . 4.99 3.86 -1.77
O10 2PE F . 4.66 2.53 -2.03
C11 2PE F . 4.56 2.20 -3.38
C12 2PE F . 3.21 1.54 -3.64
O13 2PE F . 2.20 2.26 -2.99
C14 2PE F . 1.13 1.47 -2.54
C15 2PE F . 0.78 1.82 -1.09
O16 2PE F . 0.29 3.13 -1.01
C17 2PE F . -0.02 3.57 0.30
C18 2PE F . -0.56 5.00 0.24
O19 2PE F . -1.89 5.03 -0.22
C20 2PE F . -2.09 5.81 -1.37
C21 2PE F . -2.28 4.90 -2.59
O22 2PE F . -1.65 5.41 -3.74
C23 2PE F . -2.38 5.25 -4.93
C24 2PE F . -1.88 6.23 -6.00
O25 2PE F . -2.82 7.25 -6.22
C26 2PE F . -2.28 8.55 -6.18
C27 2PE F . -1.31 8.77 -7.34
O28 2PE F . -0.65 10.00 -7.21
C1 NMY G . -22.70 17.78 0.45
O1 NMY G . -21.57 16.96 0.33
C2 NMY G . -23.10 17.80 1.88
N2 NMY G . -21.84 18.06 2.72
C3 NMY G . -23.70 16.56 2.34
O3 NMY G . -24.18 16.75 3.72
C4 NMY G . -24.84 16.14 1.49
O4 NMY G . -25.28 14.85 1.93
C5 NMY G . -24.46 16.01 0.00
O5 NMY G . -23.78 17.31 -0.45
C6 NMY G . -25.64 15.79 -0.76
C7 NMY G . -18.35 16.63 -2.31
N7 NMY G . -17.46 16.67 -3.48
C12 NMY G . -18.79 18.07 -1.97
C11 NMY G . -19.72 18.10 -0.75
O11 NMY G . -20.23 19.43 -0.58
C10 NMY G . -20.91 17.13 -0.90
C9 NMY G . -20.48 15.73 -1.37
N9 NMY G . -21.68 14.92 -1.65
C8 NMY G . -19.57 15.76 -2.60
C13 NMY G . -19.52 20.15 0.34
C14 NMY G . -19.23 21.36 -0.16
C15 NMY G . -20.40 22.24 0.32
C16 NMY G . -20.64 21.70 1.79
O16 NMY G . -20.45 20.40 1.68
C17 NMY G . -22.05 21.99 2.30
C21 NMY G . -22.99 26.30 -0.90
C20 NMY G . -21.61 26.44 -1.45
C19 NMY G . -20.60 25.64 -0.71
C18 NMY G . -20.99 24.22 -0.58
O18 NMY G . -20.07 23.55 0.30
C22 NMY G . -23.44 24.82 -0.82
O22 NMY G . -22.35 24.05 -0.03
C23 NMY G . -24.66 24.72 -0.13
N6 NMY G . -25.33 15.16 -2.03
O14 NMY G . -17.96 21.86 0.39
O20 NMY G . -21.63 25.96 -2.84
O21 NMY G . -23.00 26.86 0.42
O17 NMY G . -22.95 20.98 1.88
O12 NMY G . -17.63 18.82 -1.72
N19 NMY G . -24.83 23.34 0.36
N23 NMY G . -20.41 26.21 0.69
N1A COA H . 9.67 -16.03 -12.97
N1A COA H . 9.68 -16.02 -12.97
C2A COA H . 10.11 -17.08 -12.21
C2A COA H . 10.11 -17.09 -12.22
N3A COA H . 11.42 -17.19 -11.87
N3A COA H . 11.43 -17.19 -11.87
C4A COA H . 12.31 -16.24 -12.28
C4A COA H . 12.31 -16.23 -12.27
C5A COA H . 11.89 -15.21 -13.02
C5A COA H . 11.89 -15.20 -13.01
C6A COA H . 10.54 -15.11 -13.37
C6A COA H . 10.54 -15.10 -13.37
N6A COA H . 9.88 -14.11 -14.14
N6A COA H . 9.88 -14.11 -14.14
N7A COA H . 12.95 -14.42 -13.28
N7A COA H . 12.95 -14.41 -13.27
C8A COA H . 14.02 -14.97 -12.71
C8A COA H . 14.02 -14.96 -12.70
N9A COA H . 13.64 -16.10 -12.09
N9A COA H . 13.64 -16.09 -12.08
C1B COA H . 14.44 -17.02 -11.33
C1B COA H . 14.44 -17.00 -11.32
C2B COA H . 14.99 -17.94 -12.10
C2B COA H . 14.97 -17.93 -12.09
O2B COA H . 15.23 -19.11 -11.30
O2B COA H . 15.21 -19.10 -11.30
C3B COA H . 16.34 -17.33 -12.53
C3B COA H . 16.33 -17.32 -12.52
O3B COA H . 17.22 -18.27 -12.87
O3B COA H . 17.20 -18.29 -12.87
P3B COA H . 17.74 -18.29 -14.49
P3B COA H . 17.74 -18.27 -14.48
O7A COA H . 19.18 -18.74 -14.56
O7A COA H . 19.22 -18.58 -14.53
O8A COA H . 17.61 -16.86 -15.08
O8A COA H . 17.49 -16.88 -15.10
O9A COA H . 16.86 -19.25 -15.26
O9A COA H . 16.97 -19.33 -15.26
C4B COA H . 16.79 -16.61 -11.21
C4B COA H . 16.80 -16.62 -11.21
O4B COA H . 15.68 -16.19 -10.65
O4B COA H . 15.70 -16.18 -10.66
C5B COA H . 17.66 -15.40 -11.47
C5B COA H . 17.70 -15.42 -11.47
O5B COA H . 17.79 -14.76 -10.23
O5B COA H . 17.74 -14.73 -10.25
P1A COA H . 18.56 -13.31 -10.09
P1A COA H . 18.56 -13.30 -10.11
O1A COA H . 17.72 -12.23 -10.74
O1A COA H . 17.75 -12.20 -10.73
O2A COA H . 18.75 -13.00 -8.64
O2A COA H . 18.77 -13.01 -8.65
O3A COA H . 20.04 -13.40 -10.84
O3A COA H . 20.03 -13.41 -10.86
P2A COA H . 21.26 -14.46 -10.33
P2A COA H . 21.25 -14.48 -10.36
O4A COA H . 21.79 -15.19 -11.55
O4A COA H . 21.76 -15.23 -11.57
O5A COA H . 20.69 -15.44 -9.34
O5A COA H . 20.69 -15.44 -9.34
O6A COA H . 22.47 -13.60 -9.61
O6A COA H . 22.49 -13.62 -9.66
CBP COA H . 22.82 -11.24 -9.30
CBP COA H . 22.83 -11.27 -9.34
CCP COA H . 22.91 -12.42 -10.27
CCP COA H . 22.90 -12.44 -10.32
CDP COA H . 21.39 -10.92 -9.05
CDP COA H . 21.40 -10.93 -9.08
CEP COA H . 23.50 -10.06 -9.94
CEP COA H . 23.51 -10.07 -9.97
CAP COA H . 23.53 -11.63 -7.98
CAP COA H . 23.54 -11.65 -8.02
OAP COA H . 24.80 -12.05 -8.25
OAP COA H . 24.81 -12.09 -8.30
C9P COA H . 23.59 -10.40 -7.02
C9P COA H . 23.61 -10.44 -7.05
O9P COA H . 24.55 -9.65 -7.03
O9P COA H . 24.58 -9.71 -7.05
N8P COA H . 22.44 -10.14 -6.06
N8P COA H . 22.46 -10.18 -6.09
C7P COA H . 22.50 -8.93 -5.14
C7P COA H . 22.52 -8.98 -5.16
C6P COA H . 22.18 -7.71 -6.00
C6P COA H . 22.22 -7.72 -6.00
C5P COA H . 22.26 -6.41 -5.16
C5P COA H . 22.05 -6.49 -5.09
O5P COA H . 21.54 -6.28 -4.21
O5P COA H . 21.21 -6.50 -4.24
N4P COA H . 23.16 -5.39 -5.50
N4P COA H . 22.89 -5.37 -5.26
C3P COA H . 23.20 -4.17 -4.67
C3P COA H . 22.74 -4.19 -4.41
C2P COA H . 24.58 -3.46 -4.80
C2P COA H . 24.09 -3.41 -4.34
S1P COA H . 24.78 -2.29 -3.38
S1P COA H . 25.03 -3.63 -5.91
C1 NMY I . 27.78 -1.25 -8.21
O1 NMY I . 26.45 -1.08 -7.78
C2 NMY I . 27.83 -2.46 -9.08
N2 NMY I . 26.63 -2.40 -10.04
C3 NMY I . 27.76 -3.72 -8.36
O3 NMY I . 28.13 -4.81 -9.30
C4 NMY I . 28.64 -3.82 -7.18
O4 NMY I . 28.25 -4.98 -6.44
C5 NMY I . 28.57 -2.60 -6.22
O5 NMY I . 28.70 -1.32 -7.06
C6 NMY I . 29.62 -2.68 -5.27
C7 NMY I . 24.07 2.04 -6.46
N7 NMY I . 23.52 3.26 -5.86
C12 NMY I . 25.11 2.41 -7.52
C11 NMY I . 25.68 1.17 -8.19
O11 NMY I . 26.75 1.54 -9.08
C10 NMY I . 26.26 0.17 -7.17
C9 NMY I . 25.35 -0.06 -5.94
N9 NMY I . 26.16 -0.69 -4.90
C8 NMY I . 24.70 1.19 -5.36
C13 NMY I . 26.31 1.61 -10.39
C14 NMY I . 26.79 2.73 -10.93
C15 NMY I . 28.12 2.29 -11.59
C16 NMY I . 27.74 0.85 -12.15
O16 NMY I . 26.92 0.35 -11.26
C17 NMY I . 28.97 -0.06 -12.30
C21 NMY I . 32.49 3.81 -13.31
C20 NMY I . 31.59 4.98 -13.42
C19 NMY I . 30.15 4.63 -13.37
C18 NMY I . 29.77 3.71 -12.27
O18 NMY I . 28.48 3.16 -12.56
C22 NMY I . 32.20 2.97 -12.04
O22 NMY I . 30.69 2.58 -12.07
C23 NMY I . 32.99 1.79 -12.03
N6 NMY I . 29.46 -1.67 -4.23
O14 NMY I . 25.87 3.26 -11.96
O20 NMY I . 31.89 5.91 -12.33
O21 NMY I . 32.31 2.99 -14.46
O17 NMY I . 29.48 -0.40 -11.02
O12 NMY I . 24.52 3.27 -8.47
N19 NMY I . 32.38 0.80 -11.13
N23 NMY I . 29.78 3.97 -14.70
N1A COA J . -10.99 15.45 11.17
N1A COA J . -11.16 15.31 11.16
C2A COA J . -10.60 16.73 11.42
C2A COA J . -10.78 16.59 11.41
N3A COA J . -10.71 17.25 12.69
N3A COA J . -10.88 17.09 12.69
C4A COA J . -11.20 16.46 13.70
C4A COA J . -11.37 16.32 13.69
C5A COA J . -11.58 15.21 13.45
C5A COA J . -11.75 15.06 13.44
C6A COA J . -11.47 14.69 12.15
C6A COA J . -11.64 14.54 12.14
N6A COA J . -11.80 13.40 11.63
N6A COA J . -11.98 13.26 11.63
N7A COA J . -12.02 14.66 14.60
N7A COA J . -12.18 14.52 14.59
C8A COA J . -11.91 15.59 15.55
C8A COA J . -12.08 15.44 15.55
N9A COA J . -11.40 16.71 15.01
N9A COA J . -11.57 16.56 15.00
C1B COA J . -11.10 17.98 15.62
C1B COA J . -11.27 17.83 15.62
C2B COA J . -12.17 18.74 15.69
C2B COA J . -12.35 18.59 15.69
O2B COA J . -11.78 20.12 15.65
O2B COA J . -11.98 19.97 15.64
C3B COA J . -12.77 18.41 17.07
C3B COA J . -12.95 18.26 17.08
O3B COA J . -13.56 19.41 17.51
O3B COA J . -13.74 19.24 17.52
P3B COA J . -15.23 19.11 17.60
P3B COA J . -15.41 18.95 17.59
O7A COA J . -15.83 20.04 18.62
O7A COA J . -16.03 19.88 18.61
O8A COA J . -15.49 17.63 17.99
O8A COA J . -15.67 17.48 17.98
O9A COA J . -15.86 19.39 16.25
O9A COA J . -16.03 19.22 16.23
C4B COA J . -11.49 18.29 17.95
C4B COA J . -11.65 18.14 17.96
O4B COA J . -10.59 17.76 17.16
O4B COA J . -10.76 17.61 17.17
C5B COA J . -11.71 17.37 19.13
C5B COA J . -11.87 17.23 19.15
O5B COA J . -10.45 17.06 19.62
O5B COA J . -10.60 16.92 19.66
P1A COA J . -10.30 15.92 20.82
P1A COA J . -10.47 15.77 20.83
O1A COA J . -10.36 14.56 20.20
O1A COA J . -10.54 14.40 20.20
O2A COA J . -8.99 16.14 21.51
O2A COA J . -9.16 15.95 21.54
O3A COA J . -11.52 16.09 21.92
O3A COA J . -11.70 15.93 21.93
P2A COA J . -11.69 17.45 22.92
P2A COA J . -11.88 17.30 22.92
O4A COA J . -13.16 17.84 22.95
O4A COA J . -13.34 17.70 22.93
O5A COA J . -10.84 18.59 22.40
O5A COA J . -11.03 18.43 22.40
O6A COA J . -11.18 17.08 24.45
O6A COA J . -11.40 16.94 24.46
CBP COA J . -10.51 15.07 25.54
CBP COA J . -10.70 14.93 25.56
CCP COA J . -11.69 15.88 25.03
CCP COA J . -11.88 15.74 25.04
CDP COA J . -9.77 14.48 24.38
CDP COA J . -9.96 14.35 24.39
CEP COA J . -11.06 13.96 26.41
CEP COA J . -11.23 13.81 26.42
CAP COA J . -9.57 15.99 26.35
CAP COA J . -9.75 15.85 26.37
OAP COA J . -10.27 16.60 27.36
OAP COA J . -10.46 16.43 27.39
C9P COA J . -8.40 15.17 26.96
C9P COA J . -8.58 15.03 26.97
O9P COA J . -8.53 14.65 28.06
O9P COA J . -8.69 14.51 28.06
N8P COA J . -7.11 15.00 26.19
N8P COA J . -7.28 14.88 26.18
C7P COA J . -5.98 14.16 26.80
C7P COA J . -6.15 14.07 26.78
C6P COA J . -6.37 12.70 26.59
C6P COA J . -6.53 12.60 26.59
C5P COA J . -5.26 11.75 27.09
C5P COA J . -5.42 11.65 27.07
O5P COA J . -4.20 11.75 26.56
O5P COA J . -4.36 11.64 26.51
N4P COA J . -5.53 10.88 28.17
N4P COA J . -5.66 10.79 28.16
C3P COA J . -4.50 9.97 28.67
C3P COA J . -4.62 9.89 28.63
C2P COA J . -4.96 9.34 30.01
C2P COA J . -5.11 9.20 29.94
S1P COA J . -6.63 10.00 30.47
S1P COA J . -3.74 9.11 31.17
C1 NMY K . -8.85 7.35 33.32
O1 NMY K . -8.05 7.03 32.21
C2 NMY K . -10.00 8.19 32.90
N2 NMY K . -10.63 7.56 31.64
C3 NMY K . -9.64 9.57 32.60
O3 NMY K . -10.88 10.36 32.45
C4 NMY K . -8.82 10.22 33.65
O4 NMY K . -8.40 11.47 33.15
C5 NMY K . -7.57 9.40 34.06
O5 NMY K . -8.01 7.97 34.37
C6 NMY K . -6.97 9.98 35.21
C7 NMY K . -5.35 3.99 31.25
N7 NMY K . -4.38 2.90 31.29
C12 NMY K . -6.65 3.55 31.94
C11 NMY K . -7.70 4.66 31.99
O11 NMY K . -8.76 4.27 32.88
C10 NMY K . -7.15 5.99 32.53
C9 NMY K . -5.78 6.37 31.95
N9 NMY K . -5.23 7.47 32.75
C8 NMY K . -4.76 5.22 31.95
C13 NMY K . -9.80 3.67 32.23
C14 NMY K . -10.17 2.60 32.94
C15 NMY K . -11.28 3.13 33.86
C16 NMY K . -12.00 4.24 32.98
O16 NMY K . -11.08 4.68 32.14
C17 NMY K . -12.50 5.40 33.84
C21 NMY K . -13.74 2.08 38.07
C20 NMY K . -13.44 0.77 37.40
C19 NMY K . -13.09 0.87 35.96
C18 NMY K . -12.15 1.97 35.62
O18 NMY K . -12.15 2.14 34.20
C22 NMY K . -12.68 3.18 37.78
O22 NMY K . -12.49 3.25 36.23
C23 NMY K . -13.14 4.43 38.25
N6 NMY K . -5.66 9.39 35.44
O14 NMY K . -10.67 1.52 32.06
O20 NMY K . -12.33 0.14 38.11
O21 NMY K . -15.01 2.55 37.66
O17 NMY K . -11.46 5.82 34.71
O12 NMY K . -7.16 2.43 31.24
N19 NMY K . -12.24 5.49 37.77
N23 NMY K . -14.37 1.06 35.15
N1A COA L . 14.33 -4.98 -16.37
N1A COA L . 14.33 -4.97 -16.32
C2A COA L . 14.54 -4.30 -17.53
C2A COA L . 14.53 -4.29 -17.48
N3A COA L . 14.51 -4.96 -18.73
N3A COA L . 14.50 -4.94 -18.68
C4A COA L . 14.26 -6.29 -18.76
C4A COA L . 14.25 -6.28 -18.72
C5A COA L . 14.04 -6.96 -17.63
C5A COA L . 14.05 -6.96 -17.58
C6A COA L . 14.08 -6.29 -16.39
C6A COA L . 14.09 -6.28 -16.36
N6A COA L . 13.89 -6.78 -15.07
N6A COA L . 13.91 -6.77 -15.03
N7A COA L . 13.82 -8.26 -17.94
N7A COA L . 13.83 -8.25 -17.91
C8A COA L . 13.90 -8.37 -19.28
C8A COA L . 13.90 -8.37 -19.23
N9A COA L . 14.17 -7.16 -19.78
N9A COA L . 14.16 -7.15 -19.74
C1B COA L . 14.34 -6.78 -21.16
C1B COA L . 14.33 -6.77 -21.11
C2B COA L . 15.60 -6.85 -21.54
C2B COA L . 15.59 -6.84 -21.49
O2B COA L . 15.83 -5.85 -22.53
O2B COA L . 15.83 -5.83 -22.48
C3B COA L . 15.73 -8.24 -22.19
C3B COA L . 15.72 -8.24 -22.15
O3B COA L . 16.73 -8.24 -23.08
O3B COA L . 16.72 -8.22 -23.05
P3B COA L . 17.99 -9.35 -22.92
P3B COA L . 17.99 -9.33 -22.87
O7A COA L . 18.85 -9.30 -24.16
O7A COA L . 18.84 -9.29 -24.12
O8A COA L . 17.42 -10.77 -22.71
O8A COA L . 17.41 -10.76 -22.67
O9A COA L . 18.85 -9.00 -21.72
O9A COA L . 18.84 -8.98 -21.67
C4B COA L . 14.34 -8.38 -22.92
C4B COA L . 14.34 -8.36 -22.88
O4B COA L . 13.49 -7.79 -22.14
O4B COA L . 13.48 -7.77 -22.10
C5B COA L . 13.93 -9.82 -23.10
C5B COA L . 13.92 -9.81 -23.07
O5B COA L . 12.66 -9.79 -23.69
O5B COA L . 12.65 -9.78 -23.66
P1A COA L . 11.58 -11.00 -23.38
P1A COA L . 11.57 -11.00 -23.34
O1A COA L . 11.38 -11.16 -21.89
O1A COA L . 11.39 -11.16 -21.85
O2A COA L . 10.27 -10.65 -24.02
O2A COA L . 10.25 -10.65 -23.97
O3A COA L . 12.15 -12.41 -24.02
O3A COA L . 12.14 -12.40 -23.98
P2A COA L . 12.81 -12.51 -25.58
P2A COA L . 12.81 -12.50 -25.54
O4A COA L . 14.21 -13.10 -25.47
O4A COA L . 14.22 -13.08 -25.43
O5A COA L . 12.87 -11.14 -26.21
O5A COA L . 12.87 -11.13 -26.17
O6A COA L . 11.88 -13.49 -26.52
O6A COA L . 11.88 -13.49 -26.49
CBP COA L . 10.15 -15.04 -25.97
CBP COA L . 10.14 -15.03 -25.94
CCP COA L . 11.65 -14.80 -26.04
CCP COA L . 11.65 -14.79 -26.01
CDP COA L . 9.54 -14.03 -25.05
CDP COA L . 9.53 -14.02 -25.02
CEP COA L . 9.92 -16.43 -25.44
CEP COA L . 9.89 -16.41 -25.40
CAP COA L . 9.55 -14.90 -27.39
CAP COA L . 9.54 -14.89 -27.36
OAP COA L . 10.10 -15.87 -28.19
OAP COA L . 10.10 -15.85 -28.16
C9P COA L . 8.00 -15.10 -27.35
C9P COA L . 8.00 -15.10 -27.31
O9P COA L . 7.54 -16.22 -27.49
O9P COA L . 7.54 -16.21 -27.47
N8P COA L . 7.08 -13.92 -27.12
N8P COA L . 7.07 -13.91 -27.10
C7P COA L . 5.58 -14.15 -27.08
C7P COA L . 5.57 -14.14 -27.06
C6P COA L . 5.25 -14.83 -25.74
C6P COA L . 5.25 -14.83 -25.72
C5P COA L . 3.75 -15.15 -25.60
C5P COA L . 3.74 -15.12 -25.59
O5P COA L . 2.96 -14.26 -25.46
O5P COA L . 2.97 -14.22 -25.43
N4P COA L . 3.33 -16.49 -25.67
N4P COA L . 3.28 -16.46 -25.66
C3P COA L . 1.92 -16.85 -25.54
C3P COA L . 1.86 -16.78 -25.52
C2P COA L . 1.82 -18.41 -25.37
C2P COA L . 1.69 -18.33 -25.44
S1P COA L . 3.33 -19.20 -26.09
S1P COA L . 0.09 -18.82 -26.23
C1 NMY M . 3.66 -23.79 -25.90
O1 NMY M . 3.11 -22.81 -25.06
C2 NMY M . 5.10 -23.51 -26.07
N2 NMY M . 5.73 -23.30 -24.68
C3 NMY M . 5.34 -22.32 -26.89
O3 NMY M . 6.79 -22.11 -27.05
C4 NMY M . 4.73 -22.46 -28.22
O4 NMY M . 4.98 -21.27 -28.95
C5 NMY M . 3.19 -22.67 -28.15
O5 NMY M . 2.90 -23.84 -27.18
C6 NMY M . 2.69 -22.98 -29.45
C7 NMY M . -0.34 -22.64 -22.70
N7 NMY M . -1.68 -22.83 -22.14
C12 NMY M . 0.43 -23.96 -22.68
C11 NMY M . 1.85 -23.75 -23.22
O11 NMY M . 2.55 -25.01 -23.25
C10 NMY M . 1.81 -23.17 -24.64
C9 NMY M . 0.92 -21.92 -24.75
N9 NMY M . 0.77 -21.56 -26.16
C8 NMY M . -0.46 -22.11 -24.13
C13 NMY M . 3.25 -25.27 -22.10
C14 NMY M . 2.93 -26.49 -21.69
C15 NMY M . 3.98 -27.39 -22.40
C16 NMY M . 5.29 -26.51 -22.30
O16 NMY M . 4.87 -25.26 -22.39
C17 NMY M . 6.27 -26.84 -23.43
C21 NMY M . 4.59 -32.00 -23.98
C20 NMY M . 3.73 -32.09 -22.76
C19 NMY M . 3.81 -30.90 -21.88
C18 NMY M . 3.70 -29.61 -22.61
O18 NMY M . 4.11 -28.55 -21.73
C22 NMY M . 4.32 -30.71 -24.80
O22 NMY M . 4.56 -29.54 -23.80
C23 NMY M . 5.23 -30.61 -25.87
N6 NMY M . 1.24 -22.89 -29.44
O14 NMY M . 3.06 -26.62 -20.23
O20 NMY M . 2.34 -32.26 -23.19
O21 NMY M . 5.96 -32.00 -23.58
O17 NMY M . 5.60 -26.78 -24.67
O12 NMY M . 0.45 -24.44 -21.34
N19 NMY M . 5.06 -29.31 -26.53
N23 NMY M . 5.13 -30.92 -21.13
#